data_6ICP
#
_entry.id   6ICP
#
_cell.length_a   136.243
_cell.length_b   136.243
_cell.length_c   154.087
_cell.angle_alpha   90.00
_cell.angle_beta   90.00
_cell.angle_gamma   120.00
#
_symmetry.space_group_name_H-M   'P 32 2 1'
#
loop_
_entity.id
_entity.type
_entity.pdbx_description
1 polymer 'Methylxanthine N1-demethylase NdmA'
2 non-polymer 'FE2/S2 (INORGANIC) CLUSTER'
3 non-polymer 'FE (III) ION'
4 non-polymer CAFFEINE
5 water water
#
_entity_poly.entity_id   1
_entity_poly.type   'polypeptide(L)'
_entity_poly.pdbx_seq_one_letter_code
;MGSSHHHHHHENLYFQGSMEQAIINDEREYLRHFWHPVCTVTELEKAHPSSLGPLAVKLLNEQLVVAKLGDEYVAMRDRC
AHRSAKLSLGTVSGNRLQCPYHGWQYDTHGACQLVPACPNSPIPNKAKVDRFDCEERYGLIWIRLDSSFDCTEIPYFSAA
NDPRLRIVIQEPYWWDATAERRWENFTDFSHFAFIHPGTLFDPNNAEPPIVPMDRFNGQFRFVYDTPEDMAVPNQAPIGS
FSYTCSMPFAINLEVSKYSSSSLHVLFNVSCPVDSHTTKNFLIFAREQSDDSDYLHIAFQDLVLAEDKPVIESQWPKDAP
ADEVSVVADKVSIQYRKWLRELKEAHKEGSQAFRSALLDPVIESDRSYI
;
_entity_poly.pdbx_strand_id   A,B,C
#
# COMPACT_ATOMS: atom_id res chain seq x y z
N ASN A 25 6.57 -1.71 -16.70
CA ASN A 25 7.61 -2.57 -17.27
C ASN A 25 8.25 -1.90 -18.50
N ASP A 26 9.18 -2.62 -19.13
CA ASP A 26 9.90 -2.22 -20.35
C ASP A 26 9.00 -2.15 -21.58
N GLU A 27 7.75 -2.62 -21.48
CA GLU A 27 6.84 -2.53 -22.61
C GLU A 27 6.29 -1.13 -22.80
N ARG A 28 6.51 -0.23 -21.84
CA ARG A 28 6.09 1.16 -21.98
C ARG A 28 7.13 2.00 -22.71
N GLU A 29 8.30 1.42 -22.97
CA GLU A 29 9.46 2.20 -23.39
C GLU A 29 9.16 3.03 -24.63
N TYR A 30 8.51 2.42 -25.61
CA TYR A 30 8.28 3.11 -26.86
C TYR A 30 7.38 4.33 -26.68
N LEU A 31 6.58 4.38 -25.61
CA LEU A 31 5.69 5.51 -25.38
C LEU A 31 6.45 6.80 -25.04
N ARG A 32 7.67 6.69 -24.52
CA ARG A 32 8.47 7.88 -24.23
C ARG A 32 8.76 8.69 -25.49
N HIS A 33 8.57 8.11 -26.68
CA HIS A 33 8.91 8.81 -27.91
C HIS A 33 7.81 9.73 -28.40
N PHE A 34 6.61 9.65 -27.81
CA PHE A 34 5.51 10.54 -28.20
C PHE A 34 5.41 11.74 -27.27
N TRP A 35 4.71 12.76 -27.74
CA TRP A 35 4.33 13.92 -26.95
C TRP A 35 3.09 13.59 -26.12
N HIS A 36 3.16 13.83 -24.82
CA HIS A 36 1.99 13.61 -23.96
C HIS A 36 1.64 14.88 -23.21
N PRO A 37 0.35 15.16 -23.01
CA PRO A 37 -0.02 16.30 -22.18
C PRO A 37 0.19 15.95 -20.72
N VAL A 38 0.61 16.93 -19.94
CA VAL A 38 0.80 16.70 -18.50
C VAL A 38 -0.05 17.63 -17.63
N CYS A 39 -0.46 18.80 -18.12
CA CYS A 39 -1.28 19.69 -17.31
C CYS A 39 -1.87 20.74 -18.24
N THR A 40 -2.90 21.44 -17.76
CA THR A 40 -3.37 22.62 -18.46
C THR A 40 -2.49 23.81 -18.12
N VAL A 41 -2.50 24.81 -19.02
CA VAL A 41 -1.84 26.08 -18.73
C VAL A 41 -2.43 26.69 -17.46
N THR A 42 -3.74 26.58 -17.31
CA THR A 42 -4.41 27.03 -16.08
C THR A 42 -3.83 26.35 -14.85
N GLU A 43 -3.66 25.02 -14.89
CA GLU A 43 -3.08 24.32 -13.75
C GLU A 43 -1.70 24.84 -13.43
N LEU A 44 -0.90 25.14 -14.45
CA LEU A 44 0.44 25.66 -14.22
C LEU A 44 0.40 27.04 -13.54
N GLU A 45 -0.46 27.93 -14.03
CA GLU A 45 -0.53 29.29 -13.48
C GLU A 45 -1.13 29.35 -12.06
N LYS A 46 -1.97 28.38 -11.69
CA LYS A 46 -2.56 28.34 -10.36
C LYS A 46 -1.64 27.71 -9.33
N ALA A 47 -0.59 27.02 -9.78
CA ALA A 47 0.22 26.22 -8.87
C ALA A 47 0.91 27.07 -7.82
N HIS A 48 1.38 28.25 -8.22
CA HIS A 48 2.25 29.05 -7.37
C HIS A 48 1.81 30.50 -7.57
N PRO A 49 1.81 31.31 -6.49
CA PRO A 49 1.28 32.68 -6.62
C PRO A 49 1.95 33.52 -7.71
N SER A 50 3.21 33.23 -8.06
CA SER A 50 3.86 33.93 -9.16
C SER A 50 3.21 33.68 -10.51
N SER A 51 2.37 32.66 -10.64
CA SER A 51 1.76 32.22 -11.91
C SER A 51 2.78 31.68 -12.91
N LEU A 52 4.05 31.52 -12.52
CA LEU A 52 5.10 30.99 -13.39
C LEU A 52 5.40 29.53 -13.10
N GLY A 53 4.64 28.90 -12.21
CA GLY A 53 5.05 27.61 -11.68
C GLY A 53 6.01 27.86 -10.54
N PRO A 54 6.77 26.84 -10.13
CA PRO A 54 6.78 25.48 -10.71
C PRO A 54 5.59 24.61 -10.31
N LEU A 55 5.35 23.57 -11.11
CA LEU A 55 4.31 22.58 -10.89
C LEU A 55 4.92 21.19 -11.07
N ALA A 56 4.68 20.29 -10.11
CA ALA A 56 5.12 18.91 -10.24
C ALA A 56 4.13 18.14 -11.12
N VAL A 57 4.66 17.32 -12.03
CA VAL A 57 3.81 16.42 -12.81
C VAL A 57 4.51 15.06 -12.91
N LYS A 58 3.76 14.05 -13.33
CA LYS A 58 4.25 12.69 -13.41
C LYS A 58 3.80 12.13 -14.75
N LEU A 59 4.73 11.53 -15.48
CA LEU A 59 4.45 11.04 -16.81
C LEU A 59 5.22 9.74 -16.96
N LEU A 60 4.51 8.65 -17.25
CA LEU A 60 5.12 7.33 -17.40
C LEU A 60 6.05 7.01 -16.23
N ASN A 61 5.59 7.35 -15.02
CA ASN A 61 6.28 7.11 -13.75
C ASN A 61 7.54 7.96 -13.56
N GLU A 62 7.78 8.97 -14.41
CA GLU A 62 8.85 9.94 -14.22
C GLU A 62 8.32 11.15 -13.46
N GLN A 63 9.06 11.59 -12.45
CA GLN A 63 8.67 12.79 -11.70
C GLN A 63 9.36 14.00 -12.30
N LEU A 64 8.56 14.92 -12.84
CA LEU A 64 9.05 16.07 -13.58
C LEU A 64 8.51 17.33 -12.92
N VAL A 65 9.15 18.46 -13.27
CA VAL A 65 8.68 19.77 -12.86
C VAL A 65 8.58 20.66 -14.10
N VAL A 66 7.53 21.47 -14.18
CA VAL A 66 7.32 22.39 -15.28
C VAL A 66 7.28 23.83 -14.74
N ALA A 67 7.92 24.75 -15.46
CA ALA A 67 7.94 26.15 -15.10
C ALA A 67 8.01 27.01 -16.36
N LYS A 68 7.55 28.24 -16.25
CA LYS A 68 7.67 29.21 -17.33
C LYS A 68 8.90 30.08 -17.08
N LEU A 69 9.97 29.82 -17.84
CA LEU A 69 11.26 30.49 -17.67
C LEU A 69 11.45 31.46 -18.83
N GLY A 70 11.24 32.74 -18.56
CA GLY A 70 11.20 33.72 -19.64
C GLY A 70 9.96 33.50 -20.50
N ASP A 71 10.16 33.35 -21.80
CA ASP A 71 9.04 33.09 -22.69
C ASP A 71 8.90 31.62 -23.04
N GLU A 72 9.57 30.74 -22.30
CA GLU A 72 9.61 29.33 -22.61
C GLU A 72 8.95 28.50 -21.51
N TYR A 73 8.20 27.47 -21.88
CA TYR A 73 7.78 26.44 -20.93
C TYR A 73 8.87 25.38 -20.89
N VAL A 74 9.34 25.06 -19.69
CA VAL A 74 10.48 24.17 -19.51
C VAL A 74 10.06 23.01 -18.61
N ALA A 75 10.55 21.81 -18.93
CA ALA A 75 10.32 20.60 -18.17
C ALA A 75 11.65 20.00 -17.75
N MET A 76 11.82 19.72 -16.46
CA MET A 76 13.04 19.10 -15.95
C MET A 76 12.67 17.93 -15.05
N ARG A 77 13.67 17.08 -14.77
CA ARG A 77 13.51 16.12 -13.69
C ARG A 77 13.30 16.86 -12.38
N ASP A 78 12.31 16.45 -11.60
CA ASP A 78 11.99 17.16 -10.36
C ASP A 78 12.91 16.68 -9.22
N ARG A 79 14.21 16.94 -9.41
CA ARG A 79 15.23 16.43 -8.48
C ARG A 79 16.50 17.26 -8.64
N CYS A 80 16.82 18.06 -7.63
CA CYS A 80 18.04 18.88 -7.66
C CYS A 80 19.29 18.00 -7.69
N ALA A 81 20.30 18.43 -8.46
CA ALA A 81 21.55 17.68 -8.57
C ALA A 81 22.39 17.70 -7.29
N HIS A 82 22.16 18.67 -6.41
CA HIS A 82 23.00 18.85 -5.23
C HIS A 82 22.67 17.81 -4.15
N ARG A 83 21.47 17.90 -3.57
CA ARG A 83 21.05 16.98 -2.51
C ARG A 83 19.64 16.42 -2.75
N SER A 84 19.18 16.43 -4.01
CA SER A 84 18.01 15.67 -4.46
C SER A 84 16.68 16.20 -3.92
N ALA A 85 16.62 17.44 -3.42
CA ALA A 85 15.33 18.06 -3.11
C ALA A 85 14.50 18.21 -4.38
N LYS A 86 13.19 18.36 -4.18
CA LYS A 86 12.27 18.56 -5.31
C LYS A 86 12.28 20.02 -5.73
N LEU A 87 12.68 20.28 -6.98
CA LEU A 87 12.60 21.63 -7.53
C LEU A 87 11.17 22.16 -7.55
N SER A 88 10.17 21.28 -7.58
CA SER A 88 8.80 21.77 -7.63
C SER A 88 8.37 22.47 -6.33
N LEU A 89 9.15 22.33 -5.25
CA LEU A 89 8.90 23.13 -4.05
C LEU A 89 9.65 24.47 -4.08
N GLY A 90 10.33 24.80 -5.17
CA GLY A 90 11.15 26.01 -5.27
C GLY A 90 10.42 27.15 -5.97
N THR A 91 11.20 28.00 -6.64
CA THR A 91 10.70 29.28 -7.10
C THR A 91 11.34 29.65 -8.42
N VAL A 92 10.56 30.26 -9.29
CA VAL A 92 11.11 30.90 -10.48
C VAL A 92 11.66 32.26 -10.09
N SER A 93 12.91 32.51 -10.47
CA SER A 93 13.59 33.78 -10.22
C SER A 93 14.20 34.22 -11.54
N GLY A 94 13.67 35.30 -12.11
CA GLY A 94 14.08 35.69 -13.45
C GLY A 94 13.68 34.63 -14.47
N ASN A 95 14.66 34.15 -15.22
CA ASN A 95 14.53 33.05 -16.17
C ASN A 95 15.08 31.72 -15.63
N ARG A 96 15.12 31.53 -14.31
CA ARG A 96 15.71 30.34 -13.73
C ARG A 96 14.80 29.70 -12.71
N LEU A 97 15.00 28.41 -12.47
CA LEU A 97 14.27 27.67 -11.45
C LEU A 97 15.19 27.51 -10.25
N GLN A 98 14.79 28.06 -9.11
CA GLN A 98 15.63 28.04 -7.92
C GLN A 98 15.14 26.97 -6.95
N CYS A 99 16.08 26.11 -6.53
CA CYS A 99 15.77 25.03 -5.61
C CYS A 99 15.41 25.58 -4.23
N PRO A 100 14.45 24.97 -3.52
CA PRO A 100 14.06 25.50 -2.20
C PRO A 100 15.12 25.32 -1.12
N TYR A 101 16.09 24.41 -1.29
CA TYR A 101 16.97 23.99 -0.18
C TYR A 101 18.18 24.91 -0.02
N HIS A 102 19.13 24.86 -0.96
CA HIS A 102 20.28 25.75 -0.90
C HIS A 102 20.31 26.73 -2.07
N GLY A 103 19.22 26.85 -2.81
CA GLY A 103 19.08 27.96 -3.73
C GLY A 103 19.86 27.87 -5.03
N TRP A 104 20.30 26.67 -5.43
CA TRP A 104 20.91 26.55 -6.75
C TRP A 104 19.89 26.95 -7.81
N GLN A 105 20.36 27.65 -8.85
CA GLN A 105 19.46 28.16 -9.89
C GLN A 105 19.76 27.45 -11.20
N TYR A 106 18.72 26.89 -11.82
CA TYR A 106 18.88 26.13 -13.04
C TYR A 106 18.27 26.92 -14.21
N ASP A 107 18.96 26.88 -15.37
CA ASP A 107 18.49 27.59 -16.55
C ASP A 107 17.59 26.68 -17.39
N THR A 108 17.17 27.19 -18.56
CA THR A 108 16.25 26.45 -19.42
C THR A 108 16.86 25.16 -19.95
N HIS A 109 18.19 25.00 -19.90
CA HIS A 109 18.80 23.74 -20.30
C HIS A 109 19.06 22.82 -19.11
N GLY A 110 18.61 23.20 -17.92
CA GLY A 110 18.84 22.38 -16.74
C GLY A 110 20.22 22.53 -16.14
N ALA A 111 20.99 23.53 -16.54
CA ALA A 111 22.35 23.69 -16.03
C ALA A 111 22.34 24.70 -14.88
N CYS A 112 23.02 24.35 -13.80
CA CYS A 112 23.11 25.28 -12.68
C CYS A 112 23.99 26.48 -13.05
N GLN A 113 23.50 27.68 -12.75
CA GLN A 113 24.23 28.90 -13.07
C GLN A 113 24.58 29.73 -11.84
N LEU A 114 24.16 29.32 -10.66
CA LEU A 114 24.48 30.05 -9.44
C LEU A 114 24.47 29.09 -8.26
N VAL A 115 25.56 29.04 -7.52
CA VAL A 115 25.64 28.32 -6.25
C VAL A 115 25.78 29.39 -5.16
N PRO A 116 24.68 29.75 -4.48
CA PRO A 116 24.72 30.92 -3.56
C PRO A 116 25.75 30.79 -2.46
N ALA A 117 26.08 29.57 -2.03
CA ALA A 117 27.02 29.41 -0.93
C ALA A 117 28.47 29.66 -1.37
N CYS A 118 28.81 29.41 -2.64
CA CYS A 118 30.17 29.50 -3.16
C CYS A 118 30.21 30.43 -4.36
N PRO A 119 29.75 31.67 -4.22
CA PRO A 119 29.40 32.45 -5.42
C PRO A 119 30.59 32.72 -6.33
N ASN A 120 31.82 32.63 -5.80
CA ASN A 120 33.04 32.83 -6.58
C ASN A 120 33.70 31.54 -7.04
N SER A 121 33.48 30.41 -6.36
CA SER A 121 34.06 29.14 -6.80
C SER A 121 33.49 28.74 -8.16
N PRO A 122 34.19 27.85 -8.88
CA PRO A 122 33.62 27.33 -10.13
C PRO A 122 32.50 26.33 -9.85
N ILE A 123 31.50 26.35 -10.72
CA ILE A 123 30.32 25.48 -10.52
C ILE A 123 30.66 24.08 -11.01
N PRO A 124 30.42 23.04 -10.21
CA PRO A 124 30.80 21.69 -10.63
C PRO A 124 30.19 21.33 -11.98
N ASN A 125 30.98 20.59 -12.77
CA ASN A 125 30.59 20.19 -14.11
C ASN A 125 29.31 19.37 -14.12
N LYS A 126 29.09 18.51 -13.12
CA LYS A 126 27.88 17.71 -13.09
C LYS A 126 26.70 18.39 -12.38
N ALA A 127 26.79 19.70 -12.11
CA ALA A 127 25.68 20.48 -11.54
C ALA A 127 24.65 20.80 -12.61
N LYS A 128 23.91 19.77 -13.00
CA LYS A 128 22.86 19.89 -13.99
C LYS A 128 21.83 18.81 -13.79
N VAL A 129 20.61 19.05 -14.29
CA VAL A 129 19.54 18.06 -14.25
C VAL A 129 19.00 17.81 -15.65
N ASP A 130 18.48 16.61 -15.88
CA ASP A 130 17.89 16.31 -17.19
C ASP A 130 16.71 17.23 -17.47
N ARG A 131 16.62 17.62 -18.74
CA ARG A 131 15.61 18.49 -19.29
C ARG A 131 14.93 17.76 -20.47
N PHE A 132 13.71 18.14 -20.80
CA PHE A 132 12.91 17.42 -21.79
C PHE A 132 12.18 18.40 -22.69
N ASP A 133 12.00 18.02 -23.95
CA ASP A 133 11.17 18.84 -24.84
C ASP A 133 9.82 19.10 -24.21
N CYS A 134 9.39 20.35 -24.25
CA CYS A 134 8.20 20.82 -23.55
C CYS A 134 7.61 21.94 -24.40
N GLU A 135 6.31 21.88 -24.70
CA GLU A 135 5.66 22.91 -25.51
C GLU A 135 4.22 23.09 -25.07
N GLU A 136 3.74 24.32 -25.15
CA GLU A 136 2.31 24.62 -25.03
C GLU A 136 1.64 24.49 -26.38
N ARG A 137 0.46 23.89 -26.39
CA ARG A 137 -0.38 23.89 -27.57
C ARG A 137 -1.80 23.59 -27.12
N TYR A 138 -2.75 24.38 -27.64
CA TYR A 138 -4.18 24.25 -27.35
C TYR A 138 -4.51 24.50 -25.87
N GLY A 139 -3.62 25.17 -25.12
CA GLY A 139 -3.88 25.41 -23.72
C GLY A 139 -3.48 24.26 -22.79
N LEU A 140 -2.74 23.27 -23.30
CA LEU A 140 -2.17 22.17 -22.54
C LEU A 140 -0.65 22.25 -22.60
N ILE A 141 0.02 21.72 -21.59
CA ILE A 141 1.47 21.55 -21.63
C ILE A 141 1.79 20.11 -22.04
N TRP A 142 2.65 19.97 -23.05
CA TRP A 142 3.02 18.70 -23.66
C TRP A 142 4.52 18.44 -23.43
N ILE A 143 4.88 17.18 -23.13
CA ILE A 143 6.26 16.80 -22.88
C ILE A 143 6.59 15.55 -23.68
N ARG A 144 7.76 15.55 -24.31
CA ARG A 144 8.31 14.35 -24.96
C ARG A 144 9.57 13.95 -24.20
N LEU A 145 9.56 12.74 -23.63
CA LEU A 145 10.64 12.30 -22.76
C LEU A 145 11.87 11.85 -23.54
N ASP A 146 11.69 11.28 -24.73
CA ASP A 146 12.79 10.81 -25.55
C ASP A 146 12.63 11.41 -26.93
N SER A 147 13.59 12.25 -27.34
CA SER A 147 13.53 12.93 -28.62
C SER A 147 14.51 12.34 -29.65
N SER A 148 15.13 11.20 -29.35
CA SER A 148 16.22 10.72 -30.19
C SER A 148 15.74 10.21 -31.55
N PHE A 149 14.51 9.70 -31.65
CA PHE A 149 14.02 9.30 -32.97
C PHE A 149 13.54 10.49 -33.78
N ASP A 150 13.09 11.56 -33.12
CA ASP A 150 12.71 12.81 -33.78
C ASP A 150 11.76 12.61 -34.97
N CYS A 151 10.65 11.89 -34.73
CA CYS A 151 9.67 11.72 -35.81
C CYS A 151 8.23 11.85 -35.35
N THR A 152 7.97 12.27 -34.12
CA THR A 152 6.62 12.42 -33.60
C THR A 152 6.30 13.89 -33.37
N GLU A 153 5.02 14.21 -33.44
CA GLU A 153 4.56 15.58 -33.28
C GLU A 153 3.42 15.62 -32.27
N ILE A 154 3.06 16.83 -31.90
CA ILE A 154 1.94 17.00 -30.97
C ILE A 154 0.64 16.67 -31.68
N PRO A 155 -0.26 15.90 -31.06
CA PRO A 155 -1.53 15.51 -31.69
C PRO A 155 -2.32 16.63 -32.34
N TYR A 156 -3.16 16.24 -33.32
CA TYR A 156 -3.93 17.18 -34.11
C TYR A 156 -5.28 17.46 -33.45
N PHE A 157 -5.63 18.75 -33.35
CA PHE A 157 -6.91 19.21 -32.83
C PHE A 157 -7.54 20.10 -33.89
N SER A 158 -8.63 19.64 -34.50
CA SER A 158 -9.13 20.29 -35.71
C SER A 158 -9.71 21.69 -35.46
N ALA A 159 -10.09 22.02 -34.24
CA ALA A 159 -10.80 23.26 -33.98
C ALA A 159 -9.90 24.47 -33.73
N ALA A 160 -8.61 24.27 -33.48
CA ALA A 160 -7.73 25.38 -33.16
C ALA A 160 -7.63 26.33 -34.36
N ASN A 161 -7.59 27.63 -34.06
CA ASN A 161 -7.49 28.67 -35.09
C ASN A 161 -8.70 28.66 -36.04
N ASP A 162 -9.87 28.18 -35.60
CA ASP A 162 -11.09 28.29 -36.39
C ASP A 162 -12.00 29.30 -35.71
N PRO A 163 -12.10 30.54 -36.23
CA PRO A 163 -12.85 31.58 -35.51
C PRO A 163 -14.36 31.36 -35.49
N ARG A 164 -14.89 30.38 -36.21
CA ARG A 164 -16.30 30.05 -36.08
C ARG A 164 -16.64 29.33 -34.79
N LEU A 165 -15.65 28.87 -34.01
CA LEU A 165 -15.88 27.93 -32.92
C LEU A 165 -15.50 28.56 -31.58
N ARG A 166 -16.38 28.41 -30.59
CA ARG A 166 -16.03 28.67 -29.20
C ARG A 166 -15.40 27.42 -28.60
N ILE A 167 -14.22 27.56 -28.00
CA ILE A 167 -13.42 26.47 -27.48
C ILE A 167 -13.39 26.52 -25.96
N VAL A 168 -13.66 25.39 -25.31
CA VAL A 168 -13.69 25.31 -23.85
C VAL A 168 -12.80 24.15 -23.40
N ILE A 169 -11.88 24.43 -22.48
CA ILE A 169 -11.00 23.41 -21.91
C ILE A 169 -11.59 22.96 -20.58
N GLN A 170 -11.94 21.68 -20.47
CA GLN A 170 -12.51 21.18 -19.22
C GLN A 170 -11.42 20.91 -18.19
N GLU A 171 -11.85 20.76 -16.94
CA GLU A 171 -10.91 20.36 -15.90
C GLU A 171 -10.47 18.92 -16.15
N PRO A 172 -9.18 18.62 -16.02
CA PRO A 172 -8.72 17.23 -16.19
C PRO A 172 -9.46 16.29 -15.26
N TYR A 173 -9.62 15.03 -15.69
CA TYR A 173 -10.24 14.02 -14.83
C TYR A 173 -9.33 12.80 -14.74
N TRP A 174 -9.24 12.24 -13.54
CA TRP A 174 -8.34 11.14 -13.22
C TRP A 174 -9.11 9.83 -13.16
N TRP A 175 -8.59 8.81 -13.83
CA TRP A 175 -9.20 7.49 -13.79
C TRP A 175 -8.15 6.48 -13.39
N ASP A 176 -8.58 5.46 -12.64
CA ASP A 176 -7.72 4.32 -12.36
C ASP A 176 -7.87 3.30 -13.50
N ALA A 177 -7.40 3.70 -14.68
CA ALA A 177 -7.43 2.89 -15.89
C ALA A 177 -6.30 3.34 -16.82
N THR A 178 -5.79 2.42 -17.64
CA THR A 178 -4.69 2.78 -18.53
C THR A 178 -5.20 3.61 -19.70
N ALA A 179 -4.25 4.27 -20.37
CA ALA A 179 -4.56 5.11 -21.51
C ALA A 179 -5.09 4.29 -22.68
N GLU A 180 -4.57 3.07 -22.88
CA GLU A 180 -5.09 2.21 -23.94
C GLU A 180 -6.56 1.85 -23.67
N ARG A 181 -6.90 1.45 -22.44
CA ARG A 181 -8.29 1.10 -22.18
C ARG A 181 -9.18 2.34 -22.28
N ARG A 182 -8.64 3.50 -21.93
CA ARG A 182 -9.44 4.72 -22.05
C ARG A 182 -9.71 5.07 -23.51
N TRP A 183 -8.70 4.89 -24.38
CA TRP A 183 -8.86 5.17 -25.81
C TRP A 183 -9.92 4.24 -26.43
N GLU A 184 -9.84 2.94 -26.11
CA GLU A 184 -10.82 2.01 -26.65
C GLU A 184 -12.23 2.30 -26.17
N ASN A 185 -12.37 2.81 -24.94
CA ASN A 185 -13.70 3.22 -24.49
C ASN A 185 -14.21 4.42 -25.29
N PHE A 186 -13.35 5.39 -25.55
CA PHE A 186 -13.81 6.58 -26.26
C PHE A 186 -14.29 6.27 -27.68
N THR A 187 -13.67 5.31 -28.37
CA THR A 187 -13.95 5.05 -29.78
C THR A 187 -14.94 3.92 -30.01
N ASP A 188 -15.52 3.36 -28.96
CA ASP A 188 -16.47 2.27 -29.11
C ASP A 188 -17.89 2.80 -28.96
N PHE A 189 -18.83 2.24 -29.72
CA PHE A 189 -20.23 2.55 -29.47
C PHE A 189 -21.09 1.35 -29.14
N SER A 190 -20.54 0.14 -29.24
CA SER A 190 -21.20 -1.04 -28.69
C SER A 190 -21.79 -0.81 -27.31
N HIS A 191 -21.17 0.06 -26.49
CA HIS A 191 -21.55 0.15 -25.07
C HIS A 191 -22.66 1.14 -24.76
N PHE A 192 -23.18 1.87 -25.76
CA PHE A 192 -24.11 2.97 -25.47
C PHE A 192 -25.40 2.48 -24.82
N ALA A 193 -26.00 1.40 -25.34
CA ALA A 193 -27.26 0.92 -24.78
C ALA A 193 -27.12 0.57 -23.31
N PHE A 194 -25.93 0.15 -22.88
CA PHE A 194 -25.77 -0.35 -21.52
C PHE A 194 -25.16 0.67 -20.57
N ILE A 195 -24.25 1.54 -21.03
CA ILE A 195 -23.64 2.49 -20.13
C ILE A 195 -24.28 3.87 -20.29
N HIS A 196 -24.76 4.18 -21.49
CA HIS A 196 -25.30 5.50 -21.77
C HIS A 196 -26.75 5.43 -22.27
N PRO A 197 -27.64 4.66 -21.65
CA PRO A 197 -28.97 4.47 -22.26
C PRO A 197 -29.77 5.75 -22.34
N GLY A 198 -29.62 6.67 -21.39
CA GLY A 198 -30.34 7.92 -21.40
C GLY A 198 -29.55 9.12 -21.88
N THR A 199 -28.34 8.94 -22.39
CA THR A 199 -27.51 10.07 -22.79
C THR A 199 -27.05 9.97 -24.25
N LEU A 200 -26.37 8.90 -24.63
CA LEU A 200 -25.81 8.80 -25.98
C LEU A 200 -26.50 7.77 -26.87
N PHE A 201 -27.19 6.80 -26.28
CA PHE A 201 -27.81 5.73 -27.04
C PHE A 201 -28.95 6.27 -27.91
N ASP A 202 -28.92 5.93 -29.20
CA ASP A 202 -30.01 6.27 -30.10
C ASP A 202 -30.80 5.02 -30.47
N PRO A 203 -32.06 4.89 -30.04
CA PRO A 203 -32.80 3.65 -30.30
C PRO A 203 -33.08 3.40 -31.78
N ASN A 204 -33.09 4.43 -32.63
CA ASN A 204 -33.33 4.26 -34.06
C ASN A 204 -32.04 4.08 -34.85
N ASN A 205 -30.95 3.73 -34.18
CA ASN A 205 -29.63 3.61 -34.80
C ASN A 205 -28.72 2.87 -33.82
N ALA A 206 -29.10 1.64 -33.45
CA ALA A 206 -28.39 0.96 -32.37
C ALA A 206 -27.11 0.28 -32.84
N GLU A 207 -26.95 0.02 -34.14
CA GLU A 207 -25.84 -0.76 -34.67
C GLU A 207 -25.11 -0.01 -35.77
N PRO A 208 -24.27 0.97 -35.41
CA PRO A 208 -23.28 1.52 -36.37
C PRO A 208 -22.46 0.42 -37.02
N PRO A 209 -22.47 0.33 -38.35
CA PRO A 209 -21.71 -0.72 -39.04
C PRO A 209 -20.21 -0.49 -38.95
N ILE A 210 -19.48 -1.52 -39.37
CA ILE A 210 -18.03 -1.44 -39.49
C ILE A 210 -17.66 -0.52 -40.65
N VAL A 211 -16.64 0.31 -40.45
CA VAL A 211 -16.25 1.28 -41.48
C VAL A 211 -14.77 1.09 -41.83
N PRO A 212 -14.36 1.54 -43.02
CA PRO A 212 -12.93 1.48 -43.35
C PRO A 212 -12.14 2.41 -42.44
N MET A 213 -10.89 2.01 -42.17
CA MET A 213 -9.97 2.75 -41.29
C MET A 213 -8.67 3.02 -42.04
N ASP A 214 -8.26 4.29 -42.07
CA ASP A 214 -7.04 4.70 -42.73
C ASP A 214 -5.95 5.07 -41.73
N ARG A 215 -4.72 4.65 -42.04
CA ARG A 215 -3.53 5.17 -41.39
C ARG A 215 -2.93 6.25 -42.29
N PHE A 216 -2.70 7.43 -41.73
CA PHE A 216 -2.13 8.54 -42.48
C PHE A 216 -1.47 9.52 -41.53
N ASN A 217 -0.19 9.81 -41.77
CA ASN A 217 0.58 10.76 -40.95
C ASN A 217 0.48 10.42 -39.46
N GLY A 218 0.57 9.14 -39.14
CA GLY A 218 0.52 8.69 -37.76
C GLY A 218 -0.81 8.91 -37.07
N GLN A 219 -1.90 8.95 -37.84
CA GLN A 219 -3.26 9.06 -37.34
C GLN A 219 -4.13 7.93 -37.89
N PHE A 220 -5.07 7.47 -37.07
CA PHE A 220 -6.21 6.70 -37.56
C PHE A 220 -7.29 7.66 -38.03
N ARG A 221 -7.84 7.41 -39.21
CA ARG A 221 -8.96 8.21 -39.70
C ARG A 221 -10.11 7.29 -40.07
N PHE A 222 -11.30 7.59 -39.59
CA PHE A 222 -12.47 6.80 -39.98
C PHE A 222 -13.70 7.63 -39.69
N VAL A 223 -14.73 7.41 -40.50
CA VAL A 223 -15.90 8.26 -40.54
C VAL A 223 -17.14 7.38 -40.45
N TYR A 224 -18.08 7.76 -39.60
CA TYR A 224 -19.37 7.09 -39.51
C TYR A 224 -20.43 8.04 -40.05
N ASP A 225 -21.11 7.62 -41.10
CA ASP A 225 -22.32 8.31 -41.51
C ASP A 225 -23.51 7.77 -40.73
N THR A 226 -24.60 8.48 -40.86
CA THR A 226 -25.79 8.35 -40.03
C THR A 226 -26.85 7.36 -40.50
N PRO A 227 -27.00 7.08 -41.82
CA PRO A 227 -28.12 6.17 -42.10
C PRO A 227 -27.80 4.74 -41.70
N PRO A 237 -30.49 9.89 -40.85
CA PRO A 237 -30.43 11.06 -39.98
C PRO A 237 -29.18 11.97 -40.20
N ILE A 238 -28.97 12.27 -41.48
CA ILE A 238 -28.29 13.44 -42.06
C ILE A 238 -27.07 14.02 -41.35
N GLY A 239 -26.22 13.17 -40.76
CA GLY A 239 -25.05 13.63 -40.03
C GLY A 239 -23.74 12.93 -40.33
N SER A 240 -22.78 13.02 -39.40
CA SER A 240 -21.44 12.49 -39.63
C SER A 240 -20.62 12.57 -38.35
N PHE A 241 -19.89 11.48 -38.05
CA PHE A 241 -18.90 11.45 -36.97
C PHE A 241 -17.54 11.14 -37.60
N SER A 242 -16.64 12.11 -37.60
CA SER A 242 -15.34 11.95 -38.24
C SER A 242 -14.23 11.95 -37.20
N TYR A 243 -13.50 10.83 -37.10
CA TYR A 243 -12.44 10.65 -36.14
C TYR A 243 -11.08 10.85 -36.80
N THR A 244 -10.25 11.69 -36.19
CA THR A 244 -8.81 11.76 -36.49
C THR A 244 -8.07 11.47 -35.18
N CYS A 245 -7.45 10.30 -35.07
CA CYS A 245 -6.88 9.84 -33.81
C CYS A 245 -5.37 9.83 -33.95
N SER A 246 -4.73 10.84 -33.34
CA SER A 246 -3.27 10.93 -33.32
C SER A 246 -2.73 9.89 -32.36
N MET A 247 -2.04 8.88 -32.89
CA MET A 247 -1.53 7.79 -32.06
C MET A 247 -0.51 8.32 -31.06
N PRO A 248 -0.46 7.73 -29.86
CA PRO A 248 -1.29 6.61 -29.39
C PRO A 248 -2.57 6.95 -28.63
N PHE A 249 -2.68 8.13 -28.04
CA PHE A 249 -3.73 8.32 -27.05
C PHE A 249 -4.63 9.52 -27.32
N ALA A 250 -4.56 10.17 -28.46
CA ALA A 250 -5.36 11.38 -28.69
C ALA A 250 -6.47 11.11 -29.70
N ILE A 251 -7.62 11.75 -29.48
CA ILE A 251 -8.80 11.52 -30.31
C ILE A 251 -9.46 12.86 -30.62
N ASN A 252 -9.61 13.15 -31.90
CA ASN A 252 -10.31 14.35 -32.39
C ASN A 252 -11.59 13.87 -33.08
N LEU A 253 -12.73 14.20 -32.51
CA LEU A 253 -14.01 13.79 -33.04
C LEU A 253 -14.77 15.04 -33.50
N GLU A 254 -15.08 15.10 -34.80
CA GLU A 254 -15.93 16.14 -35.37
C GLU A 254 -17.31 15.59 -35.67
N VAL A 255 -18.34 16.27 -35.14
CA VAL A 255 -19.74 15.90 -35.34
C VAL A 255 -20.43 16.99 -36.15
N SER A 256 -21.04 16.60 -37.27
CA SER A 256 -21.83 17.49 -38.14
C SER A 256 -23.29 17.04 -38.13
N LYS A 257 -24.18 17.93 -37.69
CA LYS A 257 -25.64 17.68 -37.65
C LYS A 257 -26.29 18.47 -38.79
N TYR A 258 -26.20 17.94 -40.01
CA TYR A 258 -26.76 18.61 -41.20
C TYR A 258 -28.30 18.58 -41.24
N SER A 259 -28.93 19.44 -42.04
CA SER A 259 -28.28 20.58 -42.68
C SER A 259 -28.37 21.79 -41.75
N SER A 260 -27.49 21.83 -40.76
CA SER A 260 -27.43 22.92 -39.79
C SER A 260 -25.99 23.38 -39.64
N SER A 261 -25.82 24.60 -39.12
CA SER A 261 -24.48 25.12 -38.81
C SER A 261 -24.15 24.83 -37.35
N SER A 262 -24.08 23.53 -37.03
CA SER A 262 -23.92 23.09 -35.64
C SER A 262 -22.78 22.09 -35.52
N LEU A 263 -21.61 22.46 -36.04
CA LEU A 263 -20.42 21.63 -35.85
C LEU A 263 -20.04 21.57 -34.37
N HIS A 264 -19.70 20.37 -33.90
CA HIS A 264 -19.26 20.13 -32.53
C HIS A 264 -17.97 19.32 -32.58
N VAL A 265 -16.90 19.77 -31.92
CA VAL A 265 -15.62 19.06 -31.89
C VAL A 265 -15.28 18.65 -30.47
N LEU A 266 -14.96 17.36 -30.29
CA LEU A 266 -14.45 16.86 -29.01
C LEU A 266 -13.03 16.38 -29.20
N PHE A 267 -12.17 16.77 -28.28
CA PHE A 267 -10.76 16.40 -28.32
C PHE A 267 -10.40 15.82 -26.96
N ASN A 268 -10.07 14.54 -26.93
CA ASN A 268 -9.74 13.83 -25.70
C ASN A 268 -8.37 13.20 -25.83
N VAL A 269 -7.51 13.42 -24.83
CA VAL A 269 -6.17 12.83 -24.82
C VAL A 269 -5.82 12.40 -23.39
N SER A 270 -5.27 11.17 -23.25
CA SER A 270 -4.90 10.61 -21.96
C SER A 270 -3.41 10.78 -21.70
N CYS A 271 -3.07 11.28 -20.52
CA CYS A 271 -1.69 11.23 -20.06
C CYS A 271 -1.46 9.94 -19.29
N PRO A 272 -0.57 9.05 -19.75
CA PRO A 272 -0.24 7.85 -18.97
C PRO A 272 0.61 8.18 -17.77
N VAL A 273 -0.02 8.38 -16.62
CA VAL A 273 0.71 8.87 -15.46
C VAL A 273 1.61 7.77 -14.89
N ASP A 274 1.06 6.57 -14.72
CA ASP A 274 1.84 5.40 -14.36
C ASP A 274 1.17 4.18 -14.97
N SER A 275 1.53 2.99 -14.48
CA SER A 275 1.02 1.76 -15.09
C SER A 275 -0.48 1.55 -14.84
N HIS A 276 -1.07 2.27 -13.88
CA HIS A 276 -2.44 2.05 -13.44
C HIS A 276 -3.37 3.22 -13.69
N THR A 277 -2.85 4.40 -14.07
CA THR A 277 -3.53 5.67 -13.88
C THR A 277 -3.41 6.53 -15.12
N THR A 278 -4.49 7.23 -15.47
CA THR A 278 -4.47 8.25 -16.51
C THR A 278 -4.99 9.57 -15.94
N LYS A 279 -4.38 10.66 -16.37
CA LYS A 279 -4.94 12.00 -16.21
C LYS A 279 -5.46 12.43 -17.57
N ASN A 280 -6.76 12.70 -17.68
CA ASN A 280 -7.39 12.90 -18.97
C ASN A 280 -7.80 14.36 -19.19
N PHE A 281 -7.70 14.80 -20.44
CA PHE A 281 -8.01 16.17 -20.83
C PHE A 281 -9.07 16.15 -21.90
N LEU A 282 -10.13 16.92 -21.71
CA LEU A 282 -11.19 17.04 -22.69
C LEU A 282 -11.33 18.51 -23.06
N ILE A 283 -11.20 18.81 -24.35
CA ILE A 283 -11.45 20.15 -24.89
C ILE A 283 -12.59 20.02 -25.89
N PHE A 284 -13.58 20.91 -25.81
CA PHE A 284 -14.67 20.83 -26.79
C PHE A 284 -14.92 22.19 -27.44
N ALA A 285 -15.35 22.13 -28.69
CA ALA A 285 -15.56 23.34 -29.48
C ALA A 285 -16.92 23.27 -30.15
N ARG A 286 -17.57 24.41 -30.29
CA ARG A 286 -18.89 24.39 -30.91
C ARG A 286 -19.09 25.66 -31.72
N GLU A 287 -19.87 25.51 -32.79
CA GLU A 287 -20.22 26.65 -33.65
C GLU A 287 -21.36 27.44 -33.03
N GLN A 288 -22.45 26.76 -32.70
CA GLN A 288 -23.57 27.34 -31.95
C GLN A 288 -23.13 27.52 -30.51
N SER A 289 -22.71 28.73 -30.15
CA SER A 289 -22.10 29.00 -28.85
C SER A 289 -22.85 30.06 -28.04
N ASP A 290 -24.13 30.26 -28.32
CA ASP A 290 -24.92 31.19 -27.53
C ASP A 290 -25.60 30.55 -26.33
N ASP A 291 -25.61 29.22 -26.25
CA ASP A 291 -26.09 28.51 -25.07
C ASP A 291 -25.00 28.47 -24.01
N SER A 292 -25.32 27.92 -22.84
CA SER A 292 -24.38 27.90 -21.72
C SER A 292 -23.28 26.84 -21.92
N ASP A 293 -22.03 27.22 -21.64
CA ASP A 293 -20.97 26.23 -21.54
C ASP A 293 -21.34 25.10 -20.59
N TYR A 294 -22.06 25.42 -19.51
CA TYR A 294 -22.34 24.42 -18.49
C TYR A 294 -23.41 23.43 -18.89
N LEU A 295 -24.24 23.75 -19.89
CA LEU A 295 -25.12 22.74 -20.46
C LEU A 295 -24.29 21.58 -21.01
N HIS A 296 -23.21 21.90 -21.73
CA HIS A 296 -22.34 20.90 -22.34
C HIS A 296 -21.43 20.23 -21.31
N ILE A 297 -20.94 20.99 -20.33
CA ILE A 297 -20.03 20.42 -19.34
C ILE A 297 -20.76 19.44 -18.45
N ALA A 298 -21.98 19.77 -18.02
CA ALA A 298 -22.75 18.83 -17.22
C ALA A 298 -23.00 17.55 -18.00
N PHE A 299 -23.48 17.66 -19.24
CA PHE A 299 -23.77 16.47 -20.06
C PHE A 299 -22.51 15.61 -20.22
N GLN A 300 -21.39 16.23 -20.57
CA GLN A 300 -20.16 15.49 -20.73
C GLN A 300 -19.70 14.85 -19.41
N ASP A 301 -19.89 15.56 -18.30
CA ASP A 301 -19.50 15.01 -17.00
C ASP A 301 -20.37 13.82 -16.65
N LEU A 302 -21.65 13.86 -17.01
CA LEU A 302 -22.53 12.72 -16.78
C LEU A 302 -22.09 11.52 -17.61
N VAL A 303 -21.79 11.74 -18.88
CA VAL A 303 -21.28 10.67 -19.73
C VAL A 303 -20.03 10.04 -19.11
N LEU A 304 -19.09 10.88 -18.65
CA LEU A 304 -17.84 10.39 -18.08
C LEU A 304 -18.08 9.61 -16.81
N ALA A 305 -19.02 10.07 -15.96
CA ALA A 305 -19.34 9.37 -14.72
C ALA A 305 -19.94 8.01 -15.00
N GLU A 306 -20.70 7.88 -16.09
CA GLU A 306 -21.26 6.58 -16.46
C GLU A 306 -20.16 5.60 -16.86
N ASP A 307 -19.22 6.06 -17.69
CA ASP A 307 -18.11 5.21 -18.13
C ASP A 307 -17.24 4.77 -16.96
N LYS A 308 -16.90 5.71 -16.07
CA LYS A 308 -15.76 5.57 -15.15
C LYS A 308 -15.73 4.26 -14.37
N PRO A 309 -16.79 3.84 -13.67
CA PRO A 309 -16.62 2.64 -12.83
C PRO A 309 -16.44 1.37 -13.65
N VAL A 310 -17.03 1.29 -14.83
CA VAL A 310 -16.87 0.10 -15.65
C VAL A 310 -15.44 -0.01 -16.18
N ILE A 311 -14.91 1.09 -16.73
CA ILE A 311 -13.55 1.08 -17.28
C ILE A 311 -12.53 0.77 -16.18
N GLU A 312 -12.69 1.40 -15.00
CA GLU A 312 -11.77 1.15 -13.90
C GLU A 312 -11.90 -0.26 -13.35
N SER A 313 -13.01 -0.95 -13.60
CA SER A 313 -13.14 -2.33 -13.13
C SER A 313 -12.43 -3.33 -14.03
N GLN A 314 -12.01 -2.94 -15.23
CA GLN A 314 -11.38 -3.90 -16.15
C GLN A 314 -10.05 -4.39 -15.59
N TRP A 315 -9.85 -5.71 -15.56
CA TRP A 315 -8.63 -6.26 -15.00
C TRP A 315 -8.20 -7.51 -15.76
N PRO A 316 -6.88 -7.73 -15.88
CA PRO A 316 -5.85 -6.79 -15.41
C PRO A 316 -5.82 -5.49 -16.21
N LYS A 317 -5.08 -4.52 -15.69
CA LYS A 317 -5.14 -3.16 -16.20
C LYS A 317 -4.83 -3.12 -17.69
N ASP A 318 -3.78 -3.82 -18.14
CA ASP A 318 -3.47 -3.97 -19.56
C ASP A 318 -4.14 -5.21 -20.14
N ALA A 319 -4.77 -5.06 -21.30
CA ALA A 319 -5.53 -6.13 -21.94
C ALA A 319 -4.64 -7.34 -22.26
N PRO A 320 -4.91 -8.50 -21.70
CA PRO A 320 -4.13 -9.70 -22.03
C PRO A 320 -4.61 -10.34 -23.33
N ALA A 321 -3.84 -11.35 -23.77
CA ALA A 321 -4.12 -12.06 -25.01
C ALA A 321 -5.40 -12.89 -24.98
N ASP A 322 -6.00 -13.12 -23.81
CA ASP A 322 -7.18 -13.98 -23.77
C ASP A 322 -8.49 -13.24 -24.01
N GLU A 323 -8.49 -11.92 -24.19
CA GLU A 323 -9.75 -11.24 -24.46
C GLU A 323 -10.34 -11.73 -25.78
N VAL A 324 -11.66 -11.82 -25.84
CA VAL A 324 -12.39 -12.43 -26.95
C VAL A 324 -13.05 -11.29 -27.71
N SER A 325 -12.62 -11.05 -28.96
CA SER A 325 -13.16 -9.97 -29.79
C SER A 325 -14.24 -10.51 -30.72
N VAL A 326 -15.13 -9.62 -31.12
CA VAL A 326 -16.17 -9.90 -32.12
C VAL A 326 -16.03 -8.89 -33.24
N VAL A 327 -16.82 -9.06 -34.31
CA VAL A 327 -16.63 -8.28 -35.53
C VAL A 327 -16.85 -6.80 -35.25
N ALA A 328 -17.81 -6.49 -34.37
CA ALA A 328 -18.06 -5.10 -34.03
C ALA A 328 -16.87 -4.39 -33.38
N ASP A 329 -15.84 -5.11 -32.94
CA ASP A 329 -14.69 -4.50 -32.28
C ASP A 329 -13.57 -4.09 -33.24
N LYS A 330 -13.86 -3.92 -34.54
CA LYS A 330 -12.79 -3.64 -35.51
C LYS A 330 -11.86 -2.50 -35.06
N VAL A 331 -12.43 -1.38 -34.61
CA VAL A 331 -11.60 -0.23 -34.21
C VAL A 331 -10.61 -0.64 -33.13
N SER A 332 -11.10 -1.30 -32.10
CA SER A 332 -10.26 -1.80 -31.02
C SER A 332 -9.20 -2.78 -31.53
N ILE A 333 -9.60 -3.72 -32.41
CA ILE A 333 -8.66 -4.69 -32.97
C ILE A 333 -7.58 -3.99 -33.76
N GLN A 334 -7.98 -3.05 -34.61
CA GLN A 334 -6.97 -2.35 -35.42
C GLN A 334 -6.04 -1.52 -34.55
N TYR A 335 -6.57 -0.89 -33.50
CA TYR A 335 -5.76 -0.09 -32.59
C TYR A 335 -4.66 -0.92 -31.95
N ARG A 336 -5.02 -2.09 -31.40
CA ARG A 336 -4.05 -2.96 -30.75
C ARG A 336 -3.01 -3.50 -31.73
N LYS A 337 -3.41 -3.85 -32.95
CA LYS A 337 -2.44 -4.29 -33.95
C LYS A 337 -1.39 -3.22 -34.20
N TRP A 338 -1.82 -1.96 -34.36
CA TRP A 338 -0.88 -0.88 -34.66
C TRP A 338 0.08 -0.63 -33.50
N LEU A 339 -0.41 -0.63 -32.25
CA LEU A 339 0.47 -0.41 -31.11
C LEU A 339 1.51 -1.51 -31.01
N ARG A 340 1.10 -2.73 -31.35
CA ARG A 340 2.04 -3.85 -31.35
C ARG A 340 3.14 -3.65 -32.39
N GLU A 341 2.76 -3.19 -33.60
CA GLU A 341 3.77 -2.86 -34.61
C GLU A 341 4.73 -1.77 -34.12
N LEU A 342 4.18 -0.68 -33.58
CA LEU A 342 5.04 0.39 -33.08
C LEU A 342 5.98 -0.13 -32.02
N LYS A 343 5.46 -0.95 -31.12
CA LYS A 343 6.31 -1.46 -30.04
C LYS A 343 7.42 -2.37 -30.60
N GLU A 344 7.10 -3.18 -31.61
CA GLU A 344 8.14 -4.00 -32.24
C GLU A 344 9.09 -3.16 -33.08
N ALA A 345 8.57 -2.17 -33.82
CA ALA A 345 9.46 -1.34 -34.62
C ALA A 345 10.44 -0.57 -33.75
N HIS A 346 9.99 -0.14 -32.55
CA HIS A 346 10.86 0.61 -31.67
C HIS A 346 12.09 -0.19 -31.25
N LYS A 347 11.93 -1.52 -31.08
CA LYS A 347 13.09 -2.35 -30.76
C LYS A 347 14.08 -2.45 -31.92
N GLU A 348 13.66 -2.20 -33.14
CA GLU A 348 14.55 -2.25 -34.29
C GLU A 348 15.14 -0.89 -34.67
N GLY A 349 14.69 0.19 -34.07
CA GLY A 349 15.39 1.45 -34.14
C GLY A 349 14.62 2.53 -34.88
N SER A 350 15.31 3.66 -35.01
CA SER A 350 14.68 4.92 -35.43
C SER A 350 13.99 4.76 -36.78
N GLN A 351 14.66 4.16 -37.75
CA GLN A 351 14.10 4.12 -39.10
C GLN A 351 12.89 3.19 -39.16
N ALA A 352 12.96 2.05 -38.46
CA ALA A 352 11.82 1.14 -38.42
C ALA A 352 10.63 1.79 -37.72
N PHE A 353 10.88 2.50 -36.62
CA PHE A 353 9.79 3.15 -35.91
C PHE A 353 9.11 4.19 -36.78
N ARG A 354 9.91 5.00 -37.48
CA ARG A 354 9.34 6.07 -38.29
C ARG A 354 8.44 5.51 -39.40
N SER A 355 8.83 4.39 -40.01
CA SER A 355 7.99 3.77 -41.04
C SER A 355 6.70 3.23 -40.46
N ALA A 356 6.79 2.50 -39.34
CA ALA A 356 5.59 1.96 -38.70
C ALA A 356 4.61 3.08 -38.36
N LEU A 357 5.11 4.21 -37.87
CA LEU A 357 4.24 5.32 -37.48
C LEU A 357 3.69 6.06 -38.69
N LEU A 358 4.54 6.40 -39.68
CA LEU A 358 4.16 7.37 -40.70
C LEU A 358 3.81 6.77 -42.07
N ASP A 359 4.05 5.48 -42.30
CA ASP A 359 3.63 4.90 -43.58
C ASP A 359 2.11 4.93 -43.70
N PRO A 360 1.57 5.35 -44.85
CA PRO A 360 0.12 5.29 -45.06
C PRO A 360 -0.39 3.88 -45.33
N VAL A 361 -1.63 3.64 -44.91
CA VAL A 361 -2.35 2.38 -45.15
C VAL A 361 -3.81 2.77 -45.35
N ILE A 362 -4.27 2.83 -46.59
CA ILE A 362 -5.58 3.38 -46.91
C ILE A 362 -6.51 2.22 -47.25
N GLU A 363 -7.71 2.21 -46.66
CA GLU A 363 -8.74 1.27 -47.11
C GLU A 363 -10.06 1.93 -47.45
N SER A 364 -10.22 3.23 -47.22
CA SER A 364 -11.41 3.96 -47.65
C SER A 364 -11.23 4.43 -49.09
N ASP A 365 -12.24 5.15 -49.59
CA ASP A 365 -12.24 5.69 -50.95
C ASP A 365 -11.81 7.16 -50.99
N ARG A 366 -11.19 7.66 -49.93
CA ARG A 366 -11.01 9.10 -49.75
C ARG A 366 -9.65 9.56 -50.24
N SER A 367 -9.55 10.88 -50.45
CA SER A 367 -8.57 11.44 -51.38
C SER A 367 -7.13 11.22 -50.93
N TYR A 368 -6.77 11.74 -49.75
CA TYR A 368 -5.37 11.68 -49.26
C TYR A 368 -4.74 10.30 -49.47
N ASN B 25 19.24 -2.97 2.33
CA ASN B 25 19.00 -4.07 3.25
C ASN B 25 20.33 -4.57 3.85
N ASP B 26 21.21 -5.06 2.96
CA ASP B 26 22.55 -5.43 3.38
C ASP B 26 23.31 -4.22 3.93
N GLU B 27 22.97 -3.03 3.44
CA GLU B 27 23.78 -1.84 3.66
C GLU B 27 23.45 -1.14 4.97
N ARG B 28 22.28 -1.39 5.54
CA ARG B 28 21.94 -0.82 6.83
C ARG B 28 22.43 -1.67 8.01
N GLU B 29 23.00 -2.86 7.76
CA GLU B 29 23.26 -3.79 8.85
C GLU B 29 24.23 -3.23 9.89
N TYR B 30 25.23 -2.45 9.45
CA TYR B 30 26.18 -1.95 10.43
C TYR B 30 25.54 -0.99 11.43
N LEU B 31 24.37 -0.43 11.11
CA LEU B 31 23.67 0.44 12.04
C LEU B 31 23.14 -0.30 13.28
N ARG B 32 23.01 -1.63 13.21
CA ARG B 32 22.54 -2.41 14.34
C ARG B 32 23.54 -2.45 15.49
N HIS B 33 24.79 -2.02 15.26
CA HIS B 33 25.81 -2.04 16.32
C HIS B 33 25.77 -0.79 17.19
N PHE B 34 25.00 0.23 16.81
CA PHE B 34 24.92 1.45 17.59
C PHE B 34 23.69 1.43 18.51
N TRP B 35 23.76 2.24 19.57
CA TRP B 35 22.60 2.49 20.41
C TRP B 35 21.69 3.53 19.75
N HIS B 36 20.40 3.25 19.72
CA HIS B 36 19.42 4.16 19.13
C HIS B 36 18.29 4.42 20.12
N PRO B 37 17.79 5.66 20.21
CA PRO B 37 16.62 5.90 21.06
C PRO B 37 15.36 5.39 20.36
N VAL B 38 14.47 4.76 21.13
CA VAL B 38 13.21 4.31 20.57
C VAL B 38 11.99 5.00 21.16
N CYS B 39 12.07 5.58 22.35
CA CYS B 39 10.93 6.31 22.93
C CYS B 39 11.45 7.14 24.09
N THR B 40 10.64 8.10 24.53
CA THR B 40 10.84 8.74 25.83
C THR B 40 10.39 7.80 26.95
N VAL B 41 10.93 8.03 28.14
CA VAL B 41 10.44 7.34 29.33
C VAL B 41 8.96 7.67 29.56
N THR B 42 8.58 8.91 29.28
CA THR B 42 7.18 9.35 29.36
C THR B 42 6.28 8.49 28.49
N GLU B 43 6.67 8.27 27.23
CA GLU B 43 5.87 7.43 26.33
C GLU B 43 5.73 6.02 26.88
N LEU B 44 6.79 5.46 27.45
CA LEU B 44 6.67 4.12 28.02
C LEU B 44 5.70 4.11 29.20
N GLU B 45 5.84 5.08 30.10
CA GLU B 45 4.95 5.15 31.27
C GLU B 45 3.50 5.46 30.89
N LYS B 46 3.26 6.19 29.79
CA LYS B 46 1.87 6.42 29.35
C LYS B 46 1.29 5.27 28.55
N ALA B 47 2.14 4.36 28.04
CA ALA B 47 1.62 3.30 27.17
C ALA B 47 0.54 2.47 27.86
N HIS B 48 0.69 2.20 29.15
CA HIS B 48 -0.19 1.27 29.86
C HIS B 48 -0.53 1.84 31.23
N PRO B 49 -1.74 1.61 31.74
CA PRO B 49 -2.12 2.20 33.05
C PRO B 49 -1.18 1.82 34.18
N SER B 50 -0.53 0.65 34.10
CA SER B 50 0.43 0.24 35.11
C SER B 50 1.64 1.16 35.19
N SER B 51 1.90 1.98 34.16
CA SER B 51 3.12 2.79 33.97
C SER B 51 4.37 1.96 33.71
N LEU B 52 4.25 0.65 33.55
CA LEU B 52 5.39 -0.23 33.34
C LEU B 52 5.53 -0.71 31.91
N GLY B 53 4.72 -0.20 30.98
CA GLY B 53 4.63 -0.78 29.65
C GLY B 53 3.71 -1.99 29.71
N PRO B 54 3.77 -2.89 28.72
CA PRO B 54 4.64 -2.90 27.53
C PRO B 54 4.31 -1.81 26.50
N LEU B 55 5.32 -1.37 25.76
CA LEU B 55 5.14 -0.45 24.63
C LEU B 55 5.76 -1.09 23.39
N ALA B 56 5.00 -1.16 22.29
CA ALA B 56 5.57 -1.60 21.02
C ALA B 56 6.40 -0.50 20.39
N VAL B 57 7.59 -0.83 19.92
CA VAL B 57 8.42 0.10 19.16
C VAL B 57 8.95 -0.60 17.94
N LYS B 58 9.43 0.19 16.97
CA LYS B 58 10.05 -0.29 15.74
C LYS B 58 11.42 0.35 15.55
N LEU B 59 12.44 -0.45 15.28
CA LEU B 59 13.80 0.04 15.10
C LEU B 59 14.46 -0.72 13.96
N LEU B 60 14.89 0.01 12.92
CA LEU B 60 15.54 -0.62 11.78
C LEU B 60 14.68 -1.77 11.26
N ASN B 61 13.38 -1.54 11.19
CA ASN B 61 12.36 -2.48 10.73
C ASN B 61 12.15 -3.69 11.64
N GLU B 62 12.68 -3.69 12.86
CA GLU B 62 12.43 -4.77 13.80
C GLU B 62 11.27 -4.38 14.73
N GLN B 63 10.34 -5.30 14.94
CA GLN B 63 9.22 -5.06 15.85
C GLN B 63 9.62 -5.54 17.23
N LEU B 64 9.73 -4.59 18.17
CA LEU B 64 10.23 -4.84 19.51
C LEU B 64 9.19 -4.44 20.54
N VAL B 65 9.33 -4.99 21.75
CA VAL B 65 8.49 -4.57 22.87
C VAL B 65 9.42 -4.15 24.01
N VAL B 66 9.06 -3.05 24.69
CA VAL B 66 9.80 -2.47 25.80
C VAL B 66 8.90 -2.54 27.04
N ALA B 67 9.48 -2.95 28.18
CA ALA B 67 8.76 -2.99 29.45
C ALA B 67 9.74 -2.76 30.60
N LYS B 68 9.20 -2.38 31.76
CA LYS B 68 10.01 -2.26 32.97
C LYS B 68 9.70 -3.44 33.89
N LEU B 69 10.67 -4.35 34.03
CA LEU B 69 10.57 -5.53 34.91
C LEU B 69 11.43 -5.29 36.14
N GLY B 70 10.80 -5.08 37.29
CA GLY B 70 11.56 -4.66 38.46
C GLY B 70 12.16 -3.31 38.20
N ASP B 71 13.48 -3.20 38.38
CA ASP B 71 14.15 -1.94 38.11
C ASP B 71 14.89 -1.94 36.78
N GLU B 72 14.59 -2.91 35.92
CA GLU B 72 15.28 -3.06 34.65
C GLU B 72 14.35 -2.74 33.49
N TYR B 73 14.82 -1.89 32.58
CA TYR B 73 14.20 -1.71 31.27
C TYR B 73 14.65 -2.83 30.34
N VAL B 74 13.70 -3.53 29.74
CA VAL B 74 14.00 -4.68 28.91
C VAL B 74 13.36 -4.48 27.54
N ALA B 75 14.01 -5.04 26.52
CA ALA B 75 13.53 -5.00 25.16
C ALA B 75 13.64 -6.38 24.57
N MET B 76 12.54 -6.86 24.00
CA MET B 76 12.45 -8.18 23.38
C MET B 76 11.81 -8.06 22.00
N ARG B 77 12.07 -9.04 21.14
CA ARG B 77 11.25 -9.17 19.95
C ARG B 77 9.77 -9.28 20.34
N ASP B 78 8.91 -8.54 19.63
CA ASP B 78 7.49 -8.43 19.97
C ASP B 78 6.68 -9.61 19.39
N ARG B 79 6.98 -10.81 19.88
CA ARG B 79 6.49 -12.02 19.24
C ARG B 79 6.71 -13.23 20.15
N CYS B 80 5.61 -13.79 20.66
CA CYS B 80 5.69 -14.89 21.61
C CYS B 80 6.19 -16.15 20.91
N ALA B 81 6.99 -16.95 21.63
CA ALA B 81 7.55 -18.17 21.04
C ALA B 81 6.50 -19.26 20.84
N HIS B 82 5.40 -19.20 21.57
CA HIS B 82 4.38 -20.24 21.54
C HIS B 82 3.55 -20.21 20.24
N ARG B 83 2.72 -19.16 20.06
CA ARG B 83 1.90 -19.04 18.85
C ARG B 83 2.00 -17.64 18.24
N SER B 84 3.10 -16.92 18.50
CA SER B 84 3.50 -15.70 17.79
C SER B 84 2.58 -14.50 18.05
N ALA B 85 1.77 -14.49 19.12
CA ALA B 85 1.07 -13.28 19.49
C ALA B 85 2.05 -12.18 19.87
N LYS B 86 1.59 -10.93 19.82
CA LYS B 86 2.43 -9.80 20.20
C LYS B 86 2.47 -9.62 21.70
N LEU B 87 3.68 -9.69 22.25
CA LEU B 87 3.87 -9.45 23.68
C LEU B 87 3.48 -8.02 24.06
N SER B 88 3.59 -7.07 23.14
CA SER B 88 3.18 -5.70 23.43
C SER B 88 1.69 -5.58 23.75
N LEU B 89 0.88 -6.61 23.49
CA LEU B 89 -0.49 -6.56 23.96
C LEU B 89 -0.67 -7.23 25.34
N GLY B 90 0.44 -7.65 25.95
CA GLY B 90 0.40 -8.37 27.21
C GLY B 90 0.50 -7.46 28.41
N THR B 91 0.97 -8.03 29.53
CA THR B 91 0.94 -7.32 30.82
C THR B 91 2.24 -7.62 31.56
N VAL B 92 2.78 -6.61 32.23
CA VAL B 92 3.91 -6.81 33.15
C VAL B 92 3.35 -7.26 34.48
N SER B 93 3.94 -8.30 35.02
CA SER B 93 3.49 -8.87 36.29
C SER B 93 4.76 -9.11 37.07
N GLY B 94 5.13 -8.13 37.90
CA GLY B 94 6.34 -8.16 38.68
C GLY B 94 7.59 -8.18 37.83
N ASN B 95 8.38 -9.26 37.95
CA ASN B 95 9.59 -9.46 37.16
C ASN B 95 9.34 -10.30 35.90
N ARG B 96 8.14 -10.25 35.33
CA ARG B 96 7.81 -11.04 34.15
C ARG B 96 7.00 -10.21 33.18
N LEU B 97 7.14 -10.53 31.89
CA LEU B 97 6.24 -10.06 30.84
C LEU B 97 5.32 -11.21 30.41
N GLN B 98 4.02 -11.02 30.55
CA GLN B 98 3.06 -12.09 30.31
C GLN B 98 2.36 -11.90 28.97
N CYS B 99 2.41 -12.93 28.14
CA CYS B 99 1.78 -12.88 26.83
C CYS B 99 0.26 -12.79 26.99
N PRO B 100 -0.42 -12.00 26.14
CA PRO B 100 -1.90 -11.89 26.24
C PRO B 100 -2.65 -13.17 25.89
N TYR B 101 -2.06 -14.09 25.13
CA TYR B 101 -2.85 -15.18 24.56
C TYR B 101 -3.00 -16.35 25.53
N HIS B 102 -1.92 -17.11 25.79
CA HIS B 102 -2.00 -18.21 26.74
C HIS B 102 -1.20 -17.95 28.00
N GLY B 103 -0.79 -16.71 28.24
CA GLY B 103 -0.21 -16.35 29.51
C GLY B 103 1.20 -16.82 29.80
N TRP B 104 1.97 -17.23 28.80
CA TRP B 104 3.38 -17.52 29.08
C TRP B 104 4.06 -16.29 29.67
N GLN B 105 4.95 -16.51 30.63
CA GLN B 105 5.65 -15.41 31.31
C GLN B 105 7.13 -15.45 30.98
N TYR B 106 7.66 -14.32 30.53
CA TYR B 106 9.05 -14.24 30.14
C TYR B 106 9.82 -13.41 31.16
N ASP B 107 11.05 -13.84 31.48
CA ASP B 107 11.87 -13.11 32.43
C ASP B 107 12.70 -12.06 31.68
N THR B 108 13.56 -11.35 32.41
CA THR B 108 14.34 -10.26 31.83
C THR B 108 15.32 -10.72 30.75
N HIS B 109 15.56 -12.03 30.63
CA HIS B 109 16.46 -12.56 29.61
C HIS B 109 15.69 -13.15 28.43
N GLY B 110 14.37 -13.02 28.42
CA GLY B 110 13.59 -13.50 27.29
C GLY B 110 13.24 -14.98 27.34
N ALA B 111 13.44 -15.66 28.47
CA ALA B 111 13.18 -17.09 28.58
C ALA B 111 11.86 -17.29 29.30
N CYS B 112 11.02 -18.16 28.76
CA CYS B 112 9.76 -18.46 29.41
C CYS B 112 10.01 -19.24 30.70
N GLN B 113 9.42 -18.80 31.80
CA GLN B 113 9.58 -19.47 33.07
C GLN B 113 8.28 -20.01 33.63
N LEU B 114 7.17 -19.82 32.91
CA LEU B 114 5.87 -20.32 33.34
C LEU B 114 5.01 -20.55 32.11
N VAL B 115 4.53 -21.79 31.96
CA VAL B 115 3.51 -22.19 30.99
C VAL B 115 2.25 -22.53 31.78
N PRO B 116 1.27 -21.61 31.87
CA PRO B 116 0.15 -21.84 32.81
C PRO B 116 -0.62 -23.11 32.54
N ALA B 117 -0.73 -23.56 31.28
CA ALA B 117 -1.52 -24.76 31.00
C ALA B 117 -0.84 -26.05 31.46
N CYS B 118 0.48 -26.05 31.61
CA CYS B 118 1.27 -27.26 31.96
C CYS B 118 2.21 -26.93 33.11
N PRO B 119 1.67 -26.52 34.26
CA PRO B 119 2.52 -25.82 35.24
C PRO B 119 3.53 -26.71 35.92
N ASN B 120 3.47 -28.03 35.72
CA ASN B 120 4.44 -28.94 36.30
C ASN B 120 5.37 -29.59 35.28
N SER B 121 5.02 -29.56 33.97
CA SER B 121 5.81 -30.14 32.90
C SER B 121 7.06 -29.31 32.59
N PRO B 122 8.13 -29.93 32.06
CA PRO B 122 9.33 -29.15 31.76
C PRO B 122 9.06 -28.19 30.60
N ILE B 123 9.59 -26.98 30.72
CA ILE B 123 9.36 -25.96 29.70
C ILE B 123 10.31 -26.21 28.53
N PRO B 124 9.82 -26.22 27.29
CA PRO B 124 10.71 -26.51 26.15
C PRO B 124 11.90 -25.56 26.06
N ASN B 125 13.03 -26.11 25.62
CA ASN B 125 14.23 -25.30 25.42
C ASN B 125 13.99 -24.15 24.44
N LYS B 126 13.18 -24.37 23.39
CA LYS B 126 12.92 -23.32 22.41
C LYS B 126 12.01 -22.20 22.93
N ALA B 127 11.47 -22.32 24.15
CA ALA B 127 10.51 -21.32 24.67
C ALA B 127 11.24 -20.07 25.16
N LYS B 128 11.76 -19.30 24.20
CA LYS B 128 12.58 -18.13 24.48
C LYS B 128 12.43 -17.18 23.30
N VAL B 129 12.49 -15.88 23.55
CA VAL B 129 12.46 -14.91 22.46
C VAL B 129 13.72 -14.05 22.57
N ASP B 130 14.06 -13.37 21.48
CA ASP B 130 15.30 -12.63 21.44
C ASP B 130 15.22 -11.42 22.36
N ARG B 131 16.26 -11.24 23.17
CA ARG B 131 16.38 -10.13 24.10
C ARG B 131 17.52 -9.20 23.68
N PHE B 132 17.27 -7.90 23.76
CA PHE B 132 18.20 -6.88 23.27
C PHE B 132 18.61 -5.91 24.37
N ASP B 133 19.87 -5.45 24.31
CA ASP B 133 20.34 -4.33 25.13
C ASP B 133 19.31 -3.20 25.17
N CYS B 134 19.01 -2.74 26.38
CA CYS B 134 18.00 -1.70 26.59
C CYS B 134 18.39 -0.90 27.83
N GLU B 135 18.49 0.43 27.71
CA GLU B 135 18.98 1.26 28.81
C GLU B 135 18.32 2.63 28.78
N GLU B 136 17.94 3.15 29.95
CA GLU B 136 17.48 4.53 30.05
C GLU B 136 18.68 5.48 30.19
N ARG B 137 18.62 6.60 29.47
CA ARG B 137 19.56 7.68 29.71
C ARG B 137 18.97 8.99 29.16
N TYR B 138 19.10 10.06 29.94
CA TYR B 138 18.60 11.38 29.59
C TYR B 138 17.09 11.43 29.43
N GLY B 139 16.34 10.50 30.02
CA GLY B 139 14.91 10.50 29.79
C GLY B 139 14.44 9.80 28.53
N LEU B 140 15.36 9.13 27.80
CA LEU B 140 15.06 8.30 26.65
C LEU B 140 15.40 6.83 26.92
N ILE B 141 14.73 5.94 26.20
CA ILE B 141 15.05 4.51 26.18
C ILE B 141 15.86 4.23 24.91
N TRP B 142 17.05 3.68 25.10
CA TRP B 142 17.99 3.33 24.04
C TRP B 142 18.02 1.82 23.85
N ILE B 143 18.16 1.37 22.61
CA ILE B 143 18.28 -0.06 22.29
C ILE B 143 19.48 -0.25 21.36
N ARG B 144 20.31 -1.25 21.64
CA ARG B 144 21.37 -1.70 20.72
C ARG B 144 21.06 -3.11 20.25
N LEU B 145 20.81 -3.27 18.96
CA LEU B 145 20.35 -4.57 18.48
C LEU B 145 21.47 -5.62 18.41
N ASP B 146 22.71 -5.20 18.21
CA ASP B 146 23.83 -6.13 18.05
C ASP B 146 24.98 -5.62 18.92
N SER B 147 25.33 -6.38 19.95
CA SER B 147 26.40 -5.98 20.87
C SER B 147 27.72 -6.68 20.58
N SER B 148 27.82 -7.41 19.46
CA SER B 148 28.94 -8.31 19.23
C SER B 148 30.27 -7.59 19.11
N PHE B 149 30.29 -6.32 18.71
CA PHE B 149 31.57 -5.64 18.55
C PHE B 149 32.02 -4.92 19.81
N ASP B 150 31.11 -4.72 20.76
CA ASP B 150 31.41 -4.21 22.10
C ASP B 150 32.26 -2.94 22.08
N CYS B 151 31.87 -1.97 21.24
CA CYS B 151 32.64 -0.74 21.23
C CYS B 151 31.79 0.51 20.99
N THR B 152 30.49 0.43 21.18
CA THR B 152 29.65 1.61 20.98
C THR B 152 28.98 1.99 22.30
N GLU B 153 28.68 3.27 22.42
CA GLU B 153 28.14 3.83 23.64
C GLU B 153 26.93 4.67 23.31
N ILE B 154 26.06 4.84 24.31
CA ILE B 154 24.97 5.81 24.15
C ILE B 154 25.56 7.20 23.87
N PRO B 155 25.01 7.94 22.92
CA PRO B 155 25.57 9.26 22.55
C PRO B 155 25.69 10.24 23.72
N TYR B 156 26.58 11.21 23.51
CA TYR B 156 26.96 12.19 24.53
C TYR B 156 26.01 13.39 24.53
N PHE B 157 25.41 13.66 25.68
CA PHE B 157 24.59 14.85 25.92
C PHE B 157 25.32 15.66 26.98
N SER B 158 25.88 16.81 26.59
CA SER B 158 26.78 17.56 27.47
C SER B 158 26.08 18.23 28.66
N ALA B 159 24.77 18.39 28.62
CA ALA B 159 24.13 19.09 29.72
C ALA B 159 23.74 18.18 30.88
N ALA B 160 23.76 16.86 30.68
CA ALA B 160 23.33 15.94 31.70
C ALA B 160 24.15 16.12 32.98
N ASN B 161 23.46 16.14 34.12
CA ASN B 161 24.07 16.34 35.45
C ASN B 161 24.86 17.65 35.55
N ASP B 162 24.40 18.70 34.85
CA ASP B 162 24.94 20.05 35.06
C ASP B 162 23.89 20.86 35.80
N PRO B 163 24.03 21.08 37.11
CA PRO B 163 22.95 21.73 37.89
C PRO B 163 22.72 23.19 37.52
N ARG B 164 23.59 23.82 36.73
CA ARG B 164 23.30 25.18 36.28
C ARG B 164 22.20 25.24 35.22
N LEU B 165 21.75 24.11 34.67
CA LEU B 165 20.95 24.10 33.44
C LEU B 165 19.60 23.45 33.67
N ARG B 166 18.54 24.11 33.19
CA ARG B 166 17.23 23.50 33.13
C ARG B 166 17.10 22.69 31.84
N ILE B 167 16.71 21.43 31.95
CA ILE B 167 16.66 20.50 30.83
C ILE B 167 15.20 20.20 30.50
N VAL B 168 14.84 20.29 29.22
CA VAL B 168 13.48 20.02 28.76
C VAL B 168 13.52 19.01 27.61
N ILE B 169 12.71 17.95 27.72
CA ILE B 169 12.57 16.94 26.67
C ILE B 169 11.31 17.23 25.85
N GLN B 170 11.47 17.55 24.57
CA GLN B 170 10.32 17.80 23.71
C GLN B 170 9.64 16.49 23.33
N GLU B 171 8.43 16.59 22.78
CA GLU B 171 7.82 15.38 22.23
C GLU B 171 8.52 14.98 20.94
N PRO B 172 8.62 13.68 20.69
CA PRO B 172 9.22 13.22 19.43
C PRO B 172 8.46 13.72 18.21
N TYR B 173 9.20 14.01 17.14
CA TYR B 173 8.60 14.37 15.87
C TYR B 173 9.03 13.37 14.80
N TRP B 174 8.04 12.96 14.00
CA TRP B 174 8.20 11.95 12.96
C TRP B 174 8.38 12.63 11.61
N TRP B 175 9.41 12.23 10.88
CA TRP B 175 9.58 12.70 9.51
C TRP B 175 9.68 11.52 8.54
N ASP B 176 9.07 11.70 7.38
CA ASP B 176 9.29 10.82 6.24
C ASP B 176 10.64 11.14 5.58
N ALA B 177 11.70 10.94 6.34
CA ALA B 177 13.07 11.09 5.84
C ALA B 177 13.98 10.18 6.66
N THR B 178 15.13 9.83 6.08
CA THR B 178 16.05 8.92 6.75
C THR B 178 16.88 9.64 7.80
N ALA B 179 17.51 8.86 8.67
CA ALA B 179 18.34 9.44 9.71
C ALA B 179 19.55 10.15 9.13
N GLU B 180 20.13 9.64 8.04
CA GLU B 180 21.29 10.32 7.45
C GLU B 180 20.92 11.71 6.93
N ARG B 181 19.84 11.79 6.15
CA ARG B 181 19.37 13.07 5.63
C ARG B 181 19.02 14.05 6.74
N ARG B 182 18.45 13.56 7.84
CA ARG B 182 18.09 14.46 8.92
C ARG B 182 19.35 15.01 9.59
N TRP B 183 20.36 14.15 9.78
CA TRP B 183 21.63 14.60 10.35
C TRP B 183 22.27 15.67 9.47
N GLU B 184 22.31 15.45 8.16
CA GLU B 184 22.94 16.44 7.29
C GLU B 184 22.15 17.75 7.25
N ASN B 185 20.83 17.68 7.40
CA ASN B 185 20.05 18.91 7.53
C ASN B 185 20.44 19.67 8.80
N PHE B 186 20.59 18.97 9.92
CA PHE B 186 20.84 19.65 11.18
C PHE B 186 22.19 20.37 11.20
N THR B 187 23.21 19.81 10.57
CA THR B 187 24.56 20.36 10.65
C THR B 187 24.94 21.24 9.44
N ASP B 188 23.96 21.69 8.65
CA ASP B 188 24.21 22.53 7.49
C ASP B 188 23.70 23.94 7.73
N PHE B 189 24.47 24.95 7.32
CA PHE B 189 24.01 26.35 7.38
C PHE B 189 23.85 27.01 6.02
N SER B 190 24.26 26.34 4.93
CA SER B 190 24.04 26.85 3.59
C SER B 190 22.56 27.16 3.33
N HIS B 191 21.66 26.47 4.03
CA HIS B 191 20.24 26.56 3.69
C HIS B 191 19.47 27.64 4.43
N PHE B 192 20.12 28.40 5.33
CA PHE B 192 19.39 29.35 6.18
C PHE B 192 18.69 30.43 5.36
N ALA B 193 19.37 30.94 4.34
CA ALA B 193 18.78 32.03 3.54
C ALA B 193 17.47 31.59 2.89
N PHE B 194 17.34 30.31 2.57
CA PHE B 194 16.23 29.85 1.76
C PHE B 194 15.15 29.16 2.59
N ILE B 195 15.50 28.49 3.68
CA ILE B 195 14.54 27.76 4.50
C ILE B 195 14.16 28.56 5.74
N HIS B 196 15.14 29.25 6.35
CA HIS B 196 14.97 29.94 7.61
C HIS B 196 15.25 31.44 7.51
N PRO B 197 14.72 32.15 6.52
CA PRO B 197 15.15 33.55 6.34
C PRO B 197 14.76 34.44 7.51
N GLY B 198 13.69 34.12 8.23
CA GLY B 198 13.27 34.95 9.35
C GLY B 198 13.67 34.42 10.71
N THR B 199 14.10 33.16 10.78
CA THR B 199 14.38 32.52 12.06
C THR B 199 15.87 32.39 12.32
N LEU B 200 16.62 31.70 11.45
CA LEU B 200 18.03 31.44 11.72
C LEU B 200 18.99 32.21 10.84
N PHE B 201 18.52 32.78 9.72
CA PHE B 201 19.42 33.49 8.83
C PHE B 201 19.95 34.76 9.50
N ASP B 202 21.25 34.96 9.43
CA ASP B 202 21.87 36.21 9.87
C ASP B 202 22.41 36.94 8.66
N PRO B 203 21.80 38.05 8.25
CA PRO B 203 22.12 38.67 6.94
C PRO B 203 23.54 39.22 6.86
N ASN B 204 24.17 39.54 7.99
CA ASN B 204 25.53 40.06 7.95
C ASN B 204 26.60 38.98 8.05
N ASN B 205 26.21 37.72 8.17
CA ASN B 205 27.15 36.60 8.18
C ASN B 205 26.53 35.45 7.37
N ALA B 206 26.36 35.72 6.07
CA ALA B 206 25.57 34.90 5.18
C ALA B 206 26.27 33.62 4.75
N GLU B 207 27.62 33.58 4.73
CA GLU B 207 28.32 32.36 4.32
C GLU B 207 29.28 31.92 5.43
N PRO B 208 29.07 30.76 6.07
CA PRO B 208 30.00 30.31 7.14
C PRO B 208 31.26 29.75 6.50
N PRO B 209 32.41 30.18 6.99
CA PRO B 209 33.67 29.54 6.57
C PRO B 209 33.65 28.06 6.85
N ILE B 210 34.28 27.33 5.94
CA ILE B 210 34.76 25.98 6.22
C ILE B 210 35.50 25.97 7.55
N VAL B 211 35.27 24.94 8.36
CA VAL B 211 35.89 24.84 9.69
C VAL B 211 36.59 23.50 9.82
N PRO B 212 37.68 23.40 10.57
CA PRO B 212 38.29 22.09 10.82
C PRO B 212 37.37 21.15 11.62
N MET B 213 37.46 19.87 11.28
CA MET B 213 36.67 18.85 11.95
C MET B 213 37.56 17.74 12.50
N ASP B 214 37.29 17.34 13.74
CA ASP B 214 38.05 16.30 14.42
C ASP B 214 37.17 15.08 14.68
N ARG B 215 37.76 13.90 14.45
CA ARG B 215 37.21 12.64 14.94
C ARG B 215 37.87 12.32 16.29
N PHE B 216 37.05 12.13 17.33
CA PHE B 216 37.57 11.77 18.65
C PHE B 216 36.54 10.93 19.38
N ASN B 217 36.94 9.74 19.81
CA ASN B 217 36.06 8.79 20.51
C ASN B 217 34.71 8.61 19.84
N GLY B 218 34.72 8.43 18.51
CA GLY B 218 33.47 8.17 17.80
C GLY B 218 32.57 9.39 17.67
N GLN B 219 33.11 10.58 17.89
CA GLN B 219 32.41 11.84 17.72
C GLN B 219 33.08 12.69 16.64
N PHE B 220 32.26 13.41 15.87
CA PHE B 220 32.72 14.59 15.16
C PHE B 220 32.68 15.78 16.09
N ARG B 221 33.78 16.54 16.16
CA ARG B 221 33.81 17.81 16.88
C ARG B 221 34.25 18.92 15.94
N PHE B 222 33.50 20.03 15.96
CA PHE B 222 33.86 21.21 15.20
C PHE B 222 33.16 22.41 15.83
N VAL B 223 33.77 23.57 15.69
CA VAL B 223 33.33 24.80 16.35
C VAL B 223 33.26 25.93 15.34
N TYR B 224 32.19 26.71 15.39
CA TYR B 224 32.07 27.93 14.60
C TYR B 224 32.08 29.14 15.54
N ASP B 225 32.88 30.14 15.20
CA ASP B 225 32.86 31.43 15.89
C ASP B 225 31.99 32.44 15.14
N THR B 226 31.75 33.59 15.78
CA THR B 226 30.99 34.70 15.18
C THR B 226 31.75 35.29 13.97
N PRO B 237 35.27 37.40 18.41
CA PRO B 237 34.37 36.30 18.73
C PRO B 237 33.39 36.64 19.85
N ILE B 238 32.13 36.88 19.46
CA ILE B 238 31.08 37.27 20.41
C ILE B 238 30.27 36.05 20.79
N GLY B 239 30.18 35.08 19.88
CA GLY B 239 29.45 33.85 20.13
C GLY B 239 30.20 32.62 19.69
N SER B 240 29.54 31.46 19.75
CA SER B 240 30.21 30.19 19.49
C SER B 240 29.21 29.05 19.37
N PHE B 241 29.32 28.26 18.31
CA PHE B 241 28.50 27.08 18.09
C PHE B 241 29.42 25.86 18.13
N SER B 242 29.34 25.08 19.21
CA SER B 242 30.25 23.96 19.42
C SER B 242 29.51 22.64 19.25
N TYR B 243 29.90 21.88 18.22
CA TYR B 243 29.26 20.62 17.89
C TYR B 243 30.08 19.44 18.41
N THR B 244 29.40 18.52 19.09
CA THR B 244 29.92 17.20 19.42
C THR B 244 28.89 16.20 18.91
N CYS B 245 29.22 15.47 17.85
CA CYS B 245 28.27 14.60 17.18
C CYS B 245 28.68 13.14 17.37
N SER B 246 28.01 12.43 18.28
CA SER B 246 28.25 10.99 18.43
C SER B 246 27.71 10.24 17.21
N MET B 247 28.59 9.54 16.50
CA MET B 247 28.18 8.84 15.28
C MET B 247 27.24 7.67 15.63
N PRO B 248 26.24 7.39 14.76
CA PRO B 248 25.99 8.11 13.51
C PRO B 248 24.88 9.18 13.49
N PHE B 249 23.95 9.24 14.48
CA PHE B 249 22.79 10.09 14.28
C PHE B 249 22.54 11.12 15.37
N ALA B 250 23.48 11.33 16.29
CA ALA B 250 23.23 12.24 17.40
C ALA B 250 24.08 13.50 17.27
N ILE B 251 23.49 14.63 17.65
CA ILE B 251 24.14 15.93 17.56
C ILE B 251 23.95 16.64 18.88
N ASN B 252 25.05 17.09 19.48
CA ASN B 252 25.05 17.94 20.68
C ASN B 252 25.61 19.29 20.29
N LEU B 253 24.77 20.33 20.34
CA LEU B 253 25.17 21.69 19.97
C LEU B 253 25.13 22.57 21.22
N GLU B 254 26.29 23.12 21.59
CA GLU B 254 26.40 24.11 22.65
C GLU B 254 26.55 25.50 22.03
N VAL B 255 25.66 26.40 22.41
CA VAL B 255 25.66 27.79 21.97
C VAL B 255 25.98 28.63 23.18
N SER B 256 27.15 29.25 23.21
CA SER B 256 27.54 30.15 24.29
C SER B 256 27.88 31.53 23.71
N LYS B 257 27.51 32.56 24.46
CA LYS B 257 27.96 33.93 24.19
C LYS B 257 29.12 34.22 25.13
N TYR B 258 30.28 34.57 24.55
CA TYR B 258 31.48 34.78 25.36
C TYR B 258 31.26 35.97 26.30
N SER B 259 31.79 35.83 27.53
CA SER B 259 31.69 36.80 28.61
C SER B 259 30.27 36.92 29.17
N SER B 260 29.34 36.09 28.71
CA SER B 260 27.94 36.12 29.14
C SER B 260 27.54 34.71 29.58
N SER B 261 26.51 34.63 30.42
CA SER B 261 26.03 33.33 30.90
C SER B 261 24.75 32.93 30.15
N SER B 262 24.93 32.70 28.85
CA SER B 262 23.83 32.40 27.95
C SER B 262 23.97 31.00 27.34
N LEU B 263 24.36 30.02 28.14
CA LEU B 263 24.59 28.69 27.56
C LEU B 263 23.25 28.06 27.20
N HIS B 264 23.14 27.59 25.96
CA HIS B 264 21.96 26.90 25.45
C HIS B 264 22.48 25.63 24.77
N VAL B 265 21.97 24.46 25.16
CA VAL B 265 22.36 23.22 24.53
C VAL B 265 21.15 22.63 23.78
N LEU B 266 21.37 22.19 22.55
CA LEU B 266 20.41 21.38 21.80
C LEU B 266 20.98 20.00 21.54
N PHE B 267 20.21 18.98 21.88
CA PHE B 267 20.56 17.60 21.63
C PHE B 267 19.47 17.00 20.75
N ASN B 268 19.86 16.54 19.57
CA ASN B 268 18.89 15.98 18.63
C ASN B 268 19.41 14.63 18.18
N VAL B 269 18.57 13.60 18.23
CA VAL B 269 18.96 12.27 17.78
C VAL B 269 17.79 11.67 17.02
N SER B 270 18.10 11.02 15.90
CA SER B 270 17.09 10.40 15.04
C SER B 270 17.11 8.90 15.26
N CYS B 271 15.92 8.33 15.48
CA CYS B 271 15.78 6.88 15.47
C CYS B 271 15.45 6.41 14.06
N PRO B 272 16.28 5.56 13.44
CA PRO B 272 15.95 5.04 12.11
C PRO B 272 14.89 3.95 12.17
N VAL B 273 13.63 4.35 12.01
CA VAL B 273 12.54 3.44 12.29
C VAL B 273 12.43 2.38 11.20
N ASP B 274 12.51 2.80 9.95
CA ASP B 274 12.56 1.90 8.83
C ASP B 274 13.31 2.62 7.71
N SER B 275 13.23 2.09 6.50
CA SER B 275 14.08 2.67 5.45
C SER B 275 13.63 4.06 5.01
N HIS B 276 12.43 4.52 5.40
CA HIS B 276 11.89 5.79 4.94
C HIS B 276 11.53 6.77 6.06
N THR B 277 11.63 6.36 7.33
CA THR B 277 10.97 7.08 8.43
C THR B 277 11.93 7.28 9.58
N THR B 278 11.89 8.46 10.21
CA THR B 278 12.62 8.73 11.44
C THR B 278 11.67 9.17 12.53
N LYS B 279 11.95 8.73 13.73
CA LYS B 279 11.34 9.28 14.93
C LYS B 279 12.45 10.05 15.62
N ASN B 280 12.25 11.36 15.77
CA ASN B 280 13.31 12.26 16.18
C ASN B 280 13.07 12.83 17.56
N PHE B 281 14.15 12.99 18.32
CA PHE B 281 14.09 13.43 19.70
C PHE B 281 14.94 14.67 19.86
N LEU B 282 14.36 15.71 20.47
CA LEU B 282 15.06 16.96 20.69
C LEU B 282 15.00 17.26 22.19
N ILE B 283 16.17 17.40 22.80
CA ILE B 283 16.29 17.83 24.19
C ILE B 283 17.03 19.16 24.20
N PHE B 284 16.60 20.08 25.05
CA PHE B 284 17.32 21.35 25.12
C PHE B 284 17.50 21.77 26.57
N ALA B 285 18.62 22.43 26.81
CA ALA B 285 19.03 22.85 28.14
C ALA B 285 19.46 24.30 28.08
N ARG B 286 19.20 25.06 29.14
CA ARG B 286 19.54 26.47 29.10
C ARG B 286 19.91 26.95 30.49
N GLU B 287 20.85 27.90 30.53
CA GLU B 287 21.30 28.49 31.79
C GLU B 287 20.27 29.48 32.32
N GLN B 288 19.88 30.45 31.48
CA GLN B 288 18.84 31.42 31.81
C GLN B 288 17.49 30.75 31.64
N SER B 289 16.87 30.37 32.78
CA SER B 289 15.65 29.57 32.80
C SER B 289 14.49 30.27 33.51
N ASP B 290 14.59 31.59 33.69
CA ASP B 290 13.49 32.41 34.21
C ASP B 290 12.37 32.61 33.19
N ASP B 291 12.67 32.47 31.90
CA ASP B 291 11.69 32.61 30.83
C ASP B 291 10.87 31.31 30.70
N SER B 292 9.95 31.31 29.74
CA SER B 292 9.05 30.16 29.58
C SER B 292 9.69 29.07 28.72
N ASP B 293 9.47 27.82 29.10
CA ASP B 293 9.89 26.71 28.25
C ASP B 293 9.31 26.86 26.84
N TYR B 294 8.08 27.37 26.74
CA TYR B 294 7.38 27.36 25.46
C TYR B 294 7.85 28.46 24.53
N LEU B 295 8.57 29.46 25.03
CA LEU B 295 9.24 30.39 24.12
C LEU B 295 10.20 29.62 23.22
N HIS B 296 11.02 28.76 23.83
CA HIS B 296 12.01 27.99 23.06
C HIS B 296 11.33 26.91 22.23
N ILE B 297 10.34 26.22 22.80
CA ILE B 297 9.64 25.15 22.08
C ILE B 297 8.95 25.69 20.82
N ALA B 298 8.25 26.83 20.94
CA ALA B 298 7.56 27.38 19.78
C ALA B 298 8.55 27.75 18.68
N PHE B 299 9.67 28.39 19.05
CA PHE B 299 10.70 28.73 18.06
C PHE B 299 11.30 27.47 17.43
N GLN B 300 11.62 26.47 18.24
CA GLN B 300 12.21 25.25 17.72
C GLN B 300 11.23 24.53 16.79
N ASP B 301 9.94 24.46 17.16
CA ASP B 301 8.93 23.87 16.28
C ASP B 301 8.80 24.65 14.97
N LEU B 302 8.93 25.97 15.00
CA LEU B 302 8.88 26.74 13.75
C LEU B 302 10.05 26.39 12.85
N VAL B 303 11.26 26.31 13.42
CA VAL B 303 12.42 25.89 12.64
C VAL B 303 12.19 24.52 12.02
N LEU B 304 11.69 23.57 12.82
CA LEU B 304 11.48 22.21 12.31
C LEU B 304 10.44 22.18 11.21
N ALA B 305 9.35 22.94 11.37
CA ALA B 305 8.30 22.98 10.35
C ALA B 305 8.80 23.59 9.05
N GLU B 306 9.78 24.49 9.12
CA GLU B 306 10.36 25.03 7.89
C GLU B 306 11.21 23.99 7.17
N ASP B 307 12.03 23.22 7.91
CA ASP B 307 12.87 22.21 7.28
C ASP B 307 12.03 21.07 6.70
N LYS B 308 10.93 20.72 7.37
CA LYS B 308 10.32 19.40 7.17
C LYS B 308 9.92 19.11 5.72
N PRO B 309 9.14 19.94 5.02
CA PRO B 309 8.72 19.54 3.66
C PRO B 309 9.87 19.43 2.68
N VAL B 310 10.95 20.17 2.89
CA VAL B 310 12.08 20.09 1.97
C VAL B 310 12.84 18.78 2.17
N ILE B 311 13.10 18.39 3.41
CA ILE B 311 13.83 17.15 3.68
C ILE B 311 12.99 15.94 3.29
N GLU B 312 11.67 16.00 3.53
CA GLU B 312 10.81 14.90 3.12
C GLU B 312 10.75 14.77 1.62
N SER B 313 11.03 15.85 0.89
CA SER B 313 10.96 15.76 -0.56
C SER B 313 12.18 15.08 -1.15
N GLN B 314 13.30 15.00 -0.42
CA GLN B 314 14.54 14.46 -1.00
C GLN B 314 14.33 13.02 -1.45
N TRP B 315 14.70 12.72 -2.69
CA TRP B 315 14.51 11.36 -3.22
C TRP B 315 15.60 10.99 -4.24
N PRO B 316 16.01 9.71 -4.28
CA PRO B 316 15.54 8.64 -3.36
C PRO B 316 15.93 8.89 -1.90
N LYS B 317 15.29 8.13 -1.01
CA LYS B 317 15.42 8.39 0.43
C LYS B 317 16.87 8.34 0.89
N ASP B 318 17.66 7.39 0.38
CA ASP B 318 19.10 7.35 0.64
C ASP B 318 19.85 8.11 -0.45
N ALA B 319 20.87 8.86 -0.04
CA ALA B 319 21.63 9.69 -0.98
C ALA B 319 22.37 8.82 -2.00
N PRO B 320 22.08 8.96 -3.28
CA PRO B 320 22.81 8.17 -4.29
C PRO B 320 24.22 8.71 -4.50
N ALA B 321 24.99 7.93 -5.25
CA ALA B 321 26.35 8.29 -5.61
C ALA B 321 26.40 9.47 -6.59
N ASP B 322 25.30 9.81 -7.25
CA ASP B 322 25.34 10.89 -8.24
C ASP B 322 25.14 12.28 -7.65
N GLU B 323 24.95 12.45 -6.33
CA GLU B 323 24.78 13.79 -5.77
C GLU B 323 26.07 14.61 -5.91
N VAL B 324 25.93 15.90 -6.13
CA VAL B 324 27.03 16.77 -6.53
C VAL B 324 27.32 17.71 -5.36
N SER B 325 28.54 17.66 -4.84
CA SER B 325 28.90 18.46 -3.68
C SER B 325 29.72 19.68 -4.08
N VAL B 326 29.66 20.71 -3.22
CA VAL B 326 30.49 21.90 -3.36
C VAL B 326 31.31 22.07 -2.09
N VAL B 327 32.26 23.02 -2.14
CA VAL B 327 33.21 23.20 -1.04
C VAL B 327 32.50 23.50 0.26
N ALA B 328 31.35 24.18 0.21
CA ALA B 328 30.63 24.50 1.44
C ALA B 328 30.02 23.27 2.12
N ASP B 329 29.98 22.12 1.45
CA ASP B 329 29.40 20.90 2.01
C ASP B 329 30.38 20.08 2.85
N LYS B 330 31.48 20.68 3.31
CA LYS B 330 32.51 19.93 4.05
C LYS B 330 31.91 18.98 5.09
N VAL B 331 31.01 19.48 5.95
CA VAL B 331 30.51 18.65 7.04
C VAL B 331 29.86 17.37 6.49
N SER B 332 28.97 17.51 5.51
CA SER B 332 28.28 16.31 5.02
C SER B 332 29.21 15.40 4.22
N ILE B 333 30.13 15.99 3.44
CA ILE B 333 31.13 15.18 2.75
C ILE B 333 31.89 14.32 3.73
N GLN B 334 32.37 14.94 4.82
CA GLN B 334 33.15 14.22 5.80
C GLN B 334 32.29 13.19 6.53
N TYR B 335 31.03 13.53 6.80
CA TYR B 335 30.09 12.58 7.41
C TYR B 335 29.91 11.36 6.52
N ARG B 336 29.60 11.58 5.23
CA ARG B 336 29.43 10.47 4.30
C ARG B 336 30.69 9.64 4.21
N LYS B 337 31.84 10.30 4.20
CA LYS B 337 33.13 9.60 4.22
C LYS B 337 33.26 8.69 5.43
N TRP B 338 32.97 9.20 6.63
CA TRP B 338 33.10 8.36 7.82
C TRP B 338 32.13 7.18 7.76
N LEU B 339 30.85 7.44 7.42
CA LEU B 339 29.86 6.36 7.34
C LEU B 339 30.33 5.23 6.43
N ARG B 340 30.86 5.53 5.25
CA ARG B 340 31.21 4.40 4.39
C ARG B 340 32.47 3.69 4.90
N GLU B 341 33.35 4.39 5.61
CA GLU B 341 34.42 3.71 6.31
C GLU B 341 33.88 2.73 7.35
N LEU B 342 32.91 3.16 8.15
CA LEU B 342 32.30 2.26 9.13
C LEU B 342 31.64 1.08 8.42
N LYS B 343 30.94 1.35 7.33
CA LYS B 343 30.29 0.27 6.62
C LYS B 343 31.31 -0.74 6.09
N GLU B 344 32.41 -0.27 5.49
CA GLU B 344 33.44 -1.21 5.01
C GLU B 344 34.09 -1.95 6.17
N ALA B 345 34.35 -1.25 7.29
CA ALA B 345 34.99 -1.88 8.43
C ALA B 345 34.10 -2.95 9.08
N HIS B 346 32.77 -2.76 9.03
CA HIS B 346 31.85 -3.75 9.56
C HIS B 346 32.00 -5.08 8.84
N LYS B 347 32.23 -5.05 7.53
CA LYS B 347 32.42 -6.31 6.81
C LYS B 347 33.72 -7.00 7.18
N GLU B 348 34.74 -6.24 7.61
CA GLU B 348 36.04 -6.78 8.01
C GLU B 348 36.09 -7.23 9.46
N GLY B 349 35.06 -6.97 10.24
CA GLY B 349 34.95 -7.56 11.56
C GLY B 349 35.23 -6.57 12.67
N SER B 350 35.25 -7.13 13.87
CA SER B 350 35.16 -6.35 15.10
C SER B 350 36.33 -5.40 15.27
N GLN B 351 37.52 -5.81 14.88
CA GLN B 351 38.67 -4.96 15.18
C GLN B 351 38.78 -3.83 14.17
N ALA B 352 38.53 -4.13 12.89
CA ALA B 352 38.49 -3.07 11.89
C ALA B 352 37.46 -2.00 12.27
N PHE B 353 36.27 -2.44 12.71
CA PHE B 353 35.21 -1.49 13.04
C PHE B 353 35.59 -0.62 14.22
N ARG B 354 36.14 -1.23 15.28
CA ARG B 354 36.56 -0.46 16.45
C ARG B 354 37.58 0.60 16.07
N SER B 355 38.52 0.26 15.18
CA SER B 355 39.53 1.24 14.77
C SER B 355 38.86 2.36 13.98
N ALA B 356 38.06 2.00 12.99
CA ALA B 356 37.38 3.01 12.17
C ALA B 356 36.55 3.95 13.04
N LEU B 357 35.87 3.42 14.07
CA LEU B 357 35.02 4.27 14.88
C LEU B 357 35.81 5.14 15.86
N LEU B 358 36.83 4.58 16.53
CA LEU B 358 37.42 5.23 17.69
C LEU B 358 38.80 5.82 17.49
N ASP B 359 39.46 5.57 16.36
CA ASP B 359 40.76 6.19 16.10
C ASP B 359 40.60 7.70 15.94
N PRO B 360 41.43 8.51 16.61
CA PRO B 360 41.35 9.95 16.41
C PRO B 360 41.89 10.36 15.05
N VAL B 361 41.31 11.45 14.51
CA VAL B 361 41.80 12.12 13.31
C VAL B 361 41.60 13.62 13.54
N ILE B 362 42.69 14.32 13.86
CA ILE B 362 42.62 15.71 14.31
C ILE B 362 43.05 16.64 13.18
N GLU B 363 42.21 17.63 12.85
CA GLU B 363 42.61 18.72 11.96
C GLU B 363 42.84 20.05 12.69
N SER B 364 42.27 20.23 13.88
CA SER B 364 42.23 21.54 14.52
C SER B 364 43.48 21.76 15.36
N ASP B 365 43.47 22.83 16.18
CA ASP B 365 44.52 23.13 17.15
C ASP B 365 44.23 22.57 18.54
N ARG B 366 43.06 21.97 18.76
CA ARG B 366 42.64 21.56 20.09
C ARG B 366 43.42 20.35 20.58
N SER B 367 43.50 20.21 21.90
CA SER B 367 44.13 19.06 22.54
C SER B 367 43.06 18.23 23.22
N TYR B 368 43.08 16.92 22.96
CA TYR B 368 42.13 16.01 23.59
C TYR B 368 42.88 14.98 24.46
N ASN C 25 0.56 -19.67 -2.47
CA ASN C 25 -0.53 -20.11 -3.34
C ASN C 25 -0.25 -21.51 -3.90
N ASP C 26 1.04 -21.80 -4.07
CA ASP C 26 1.46 -23.19 -4.29
C ASP C 26 1.04 -24.04 -3.11
N GLU C 27 1.17 -23.50 -1.91
CA GLU C 27 0.92 -24.27 -0.70
C GLU C 27 -0.57 -24.35 -0.34
N ARG C 28 -1.44 -23.57 -0.98
CA ARG C 28 -2.88 -23.63 -0.65
C ARG C 28 -3.73 -24.16 -1.80
N GLU C 29 -3.12 -24.67 -2.86
CA GLU C 29 -3.86 -25.30 -3.96
C GLU C 29 -4.80 -26.40 -3.47
N TYR C 30 -4.38 -27.19 -2.48
CA TYR C 30 -5.21 -28.30 -2.02
C TYR C 30 -6.52 -27.82 -1.38
N LEU C 31 -6.56 -26.58 -0.87
CA LEU C 31 -7.79 -26.03 -0.29
C LEU C 31 -8.90 -25.81 -1.33
N ARG C 32 -8.55 -25.66 -2.61
CA ARG C 32 -9.55 -25.45 -3.66
C ARG C 32 -10.52 -26.61 -3.80
N HIS C 33 -10.17 -27.78 -3.25
CA HIS C 33 -11.00 -28.97 -3.37
C HIS C 33 -12.12 -29.05 -2.34
N PHE C 34 -12.11 -28.16 -1.34
CA PHE C 34 -13.12 -28.12 -0.30
C PHE C 34 -14.22 -27.10 -0.61
N TRP C 35 -15.37 -27.30 0.03
CA TRP C 35 -16.44 -26.32 -0.03
C TRP C 35 -16.18 -25.22 1.00
N HIS C 36 -16.22 -23.97 0.55
CA HIS C 36 -16.01 -22.82 1.41
C HIS C 36 -17.22 -21.91 1.34
N PRO C 37 -17.64 -21.35 2.47
CA PRO C 37 -18.75 -20.38 2.45
C PRO C 37 -18.23 -19.02 2.02
N VAL C 38 -18.99 -18.30 1.19
CA VAL C 38 -18.54 -16.99 0.75
C VAL C 38 -19.44 -15.86 1.18
N CYS C 39 -20.72 -16.11 1.44
CA CYS C 39 -21.62 -15.07 1.90
C CYS C 39 -22.85 -15.72 2.49
N THR C 40 -23.67 -14.93 3.15
CA THR C 40 -24.98 -15.42 3.54
C THR C 40 -25.97 -15.16 2.40
N VAL C 41 -27.05 -15.94 2.39
CA VAL C 41 -28.11 -15.71 1.43
C VAL C 41 -28.63 -14.27 1.54
N THR C 42 -28.79 -13.78 2.77
CA THR C 42 -29.17 -12.38 3.03
C THR C 42 -28.24 -11.38 2.33
N GLU C 43 -26.93 -11.54 2.48
CA GLU C 43 -26.00 -10.63 1.79
C GLU C 43 -26.22 -10.64 0.30
N LEU C 44 -26.44 -11.83 -0.28
CA LEU C 44 -26.65 -11.88 -1.72
C LEU C 44 -27.90 -11.12 -2.10
N GLU C 45 -29.00 -11.33 -1.34
CA GLU C 45 -30.26 -10.69 -1.68
C GLU C 45 -30.21 -9.18 -1.50
N LYS C 46 -29.39 -8.68 -0.56
CA LYS C 46 -29.30 -7.26 -0.28
C LYS C 46 -28.35 -6.53 -1.21
N ALA C 47 -27.52 -7.24 -1.98
CA ALA C 47 -26.47 -6.58 -2.76
C ALA C 47 -27.02 -5.60 -3.81
N HIS C 48 -28.10 -5.96 -4.52
CA HIS C 48 -28.65 -5.21 -5.65
C HIS C 48 -30.16 -5.20 -5.48
N PRO C 49 -30.85 -4.18 -6.00
CA PRO C 49 -32.32 -4.12 -5.80
C PRO C 49 -33.08 -5.26 -6.42
N SER C 50 -32.53 -5.93 -7.43
CA SER C 50 -33.17 -7.10 -8.02
C SER C 50 -33.42 -8.21 -7.01
N SER C 51 -32.64 -8.26 -5.92
CA SER C 51 -32.60 -9.34 -4.94
C SER C 51 -31.95 -10.61 -5.47
N LEU C 52 -31.41 -10.58 -6.69
CA LEU C 52 -30.78 -11.75 -7.29
C LEU C 52 -29.27 -11.62 -7.41
N GLY C 53 -28.68 -10.61 -6.80
CA GLY C 53 -27.28 -10.30 -7.02
C GLY C 53 -27.13 -9.37 -8.23
N PRO C 54 -25.94 -9.31 -8.82
CA PRO C 54 -24.72 -10.08 -8.50
C PRO C 54 -23.99 -9.56 -7.26
N LEU C 55 -23.20 -10.40 -6.60
CA LEU C 55 -22.36 -10.00 -5.48
C LEU C 55 -20.92 -10.45 -5.73
N ALA C 56 -19.97 -9.51 -5.61
CA ALA C 56 -18.55 -9.87 -5.72
C ALA C 56 -18.07 -10.50 -4.43
N VAL C 57 -17.33 -11.61 -4.54
CA VAL C 57 -16.73 -12.28 -3.39
C VAL C 57 -15.32 -12.68 -3.79
N LYS C 58 -14.50 -12.92 -2.79
CA LYS C 58 -13.12 -13.32 -3.02
C LYS C 58 -12.84 -14.59 -2.22
N LEU C 59 -12.25 -15.59 -2.87
CA LEU C 59 -11.99 -16.87 -2.22
C LEU C 59 -10.62 -17.35 -2.67
N LEU C 60 -9.75 -17.65 -1.69
CA LEU C 60 -8.38 -18.09 -1.98
C LEU C 60 -7.72 -17.19 -3.01
N ASN C 61 -7.93 -15.88 -2.81
CA ASN C 61 -7.46 -14.79 -3.68
C ASN C 61 -8.05 -14.82 -5.10
N GLU C 62 -9.15 -15.53 -5.34
CA GLU C 62 -9.82 -15.52 -6.63
C GLU C 62 -11.03 -14.60 -6.56
N GLN C 63 -11.16 -13.72 -7.54
CA GLN C 63 -12.29 -12.79 -7.62
C GLN C 63 -13.45 -13.46 -8.34
N LEU C 64 -14.54 -13.68 -7.61
CA LEU C 64 -15.69 -14.40 -8.12
C LEU C 64 -16.92 -13.52 -8.04
N VAL C 65 -17.96 -13.91 -8.76
CA VAL C 65 -19.24 -13.21 -8.72
C VAL C 65 -20.30 -14.26 -8.49
N VAL C 66 -21.24 -13.96 -7.60
CA VAL C 66 -22.30 -14.88 -7.24
C VAL C 66 -23.61 -14.23 -7.63
N ALA C 67 -24.55 -15.04 -8.15
CA ALA C 67 -25.86 -14.58 -8.58
C ALA C 67 -26.86 -15.74 -8.47
N LYS C 68 -28.13 -15.38 -8.44
CA LYS C 68 -29.23 -16.34 -8.49
C LYS C 68 -29.88 -16.22 -9.86
N LEU C 69 -29.71 -17.24 -10.69
CA LEU C 69 -30.25 -17.28 -12.04
C LEU C 69 -31.32 -18.36 -12.05
N GLY C 70 -32.57 -17.95 -12.28
CA GLY C 70 -33.67 -18.90 -12.12
C GLY C 70 -33.68 -19.44 -10.70
N ASP C 71 -33.78 -20.75 -10.58
CA ASP C 71 -33.79 -21.43 -9.29
C ASP C 71 -32.38 -21.77 -8.77
N GLU C 72 -31.32 -21.36 -9.45
CA GLU C 72 -29.99 -21.85 -9.14
C GLU C 72 -29.08 -20.72 -8.64
N TYR C 73 -28.29 -21.03 -7.63
CA TYR C 73 -27.20 -20.16 -7.23
C TYR C 73 -25.97 -20.49 -8.08
N VAL C 74 -25.39 -19.47 -8.72
CA VAL C 74 -24.25 -19.70 -9.61
C VAL C 74 -23.07 -18.86 -9.14
N ALA C 75 -21.86 -19.39 -9.38
CA ALA C 75 -20.60 -18.70 -9.12
C ALA C 75 -19.73 -18.75 -10.37
N MET C 76 -19.20 -17.61 -10.77
CA MET C 76 -18.36 -17.47 -11.95
C MET C 76 -17.14 -16.65 -11.60
N ARG C 77 -16.14 -16.69 -12.47
CA ARG C 77 -15.08 -15.71 -12.38
C ARG C 77 -15.63 -14.30 -12.67
N ASP C 78 -15.21 -13.31 -11.87
CA ASP C 78 -15.73 -11.94 -11.95
C ASP C 78 -14.97 -11.12 -13.00
N ARG C 79 -15.08 -11.58 -14.25
CA ARG C 79 -14.24 -11.08 -15.34
C ARG C 79 -14.89 -11.48 -16.66
N CYS C 80 -15.44 -10.50 -17.37
CA CYS C 80 -16.08 -10.77 -18.65
C CYS C 80 -15.07 -11.26 -19.69
N ALA C 81 -15.50 -12.24 -20.50
CA ALA C 81 -14.61 -12.77 -21.54
C ALA C 81 -14.26 -11.74 -22.61
N HIS C 82 -15.11 -10.72 -22.80
CA HIS C 82 -14.95 -9.80 -23.94
C HIS C 82 -13.80 -8.83 -23.71
N ARG C 83 -13.96 -7.93 -22.72
CA ARG C 83 -12.95 -6.90 -22.45
C ARG C 83 -12.66 -6.79 -20.95
N SER C 84 -12.95 -7.84 -20.18
CA SER C 84 -12.46 -8.03 -18.81
C SER C 84 -13.12 -7.10 -17.76
N ALA C 85 -14.28 -6.52 -18.06
CA ALA C 85 -15.04 -5.77 -17.05
C ALA C 85 -15.54 -6.69 -15.94
N LYS C 86 -15.85 -6.12 -14.77
CA LYS C 86 -16.35 -6.94 -13.66
C LYS C 86 -17.84 -7.24 -13.88
N LEU C 87 -18.17 -8.54 -14.02
CA LEU C 87 -19.58 -8.95 -14.08
C LEU C 87 -20.32 -8.57 -12.81
N SER C 88 -19.63 -8.45 -11.67
CA SER C 88 -20.27 -8.00 -10.44
C SER C 88 -20.79 -6.58 -10.50
N LEU C 89 -20.42 -5.78 -11.50
CA LEU C 89 -21.07 -4.48 -11.69
C LEU C 89 -22.24 -4.57 -12.65
N GLY C 90 -22.60 -5.77 -13.09
CA GLY C 90 -23.68 -5.96 -14.05
C GLY C 90 -25.03 -6.17 -13.40
N THR C 91 -25.90 -6.87 -14.13
CA THR C 91 -27.30 -6.94 -13.81
C THR C 91 -27.79 -8.36 -14.03
N VAL C 92 -28.52 -8.88 -13.07
CA VAL C 92 -29.21 -10.15 -13.23
C VAL C 92 -30.59 -9.89 -13.81
N SER C 93 -30.85 -10.50 -14.95
CA SER C 93 -32.13 -10.38 -15.68
C SER C 93 -32.65 -11.80 -15.91
N GLY C 94 -33.47 -12.29 -14.97
CA GLY C 94 -34.04 -13.62 -15.10
C GLY C 94 -33.02 -14.72 -14.89
N ASN C 95 -32.66 -15.41 -15.96
CA ASN C 95 -31.64 -16.44 -15.91
C ASN C 95 -30.40 -16.04 -16.70
N ARG C 96 -30.10 -14.74 -16.74
CA ARG C 96 -28.86 -14.23 -17.35
C ARG C 96 -28.19 -13.24 -16.43
N LEU C 97 -26.85 -13.31 -16.38
CA LEU C 97 -26.01 -12.27 -15.81
C LEU C 97 -25.50 -11.43 -16.98
N GLN C 98 -25.93 -10.16 -17.04
CA GLN C 98 -25.55 -9.25 -18.11
C GLN C 98 -24.33 -8.42 -17.70
N CYS C 99 -23.28 -8.47 -18.52
CA CYS C 99 -22.10 -7.62 -18.33
C CYS C 99 -22.49 -6.15 -18.46
N PRO C 100 -21.98 -5.27 -17.59
CA PRO C 100 -22.32 -3.83 -17.67
C PRO C 100 -21.71 -3.07 -18.84
N TYR C 101 -20.70 -3.61 -19.54
CA TYR C 101 -19.97 -2.81 -20.54
C TYR C 101 -20.68 -2.90 -21.90
N HIS C 102 -20.59 -4.05 -22.57
CA HIS C 102 -21.25 -4.23 -23.86
C HIS C 102 -22.43 -5.23 -23.78
N GLY C 103 -22.91 -5.52 -22.59
CA GLY C 103 -24.14 -6.27 -22.42
C GLY C 103 -24.14 -7.74 -22.82
N TRP C 104 -22.98 -8.39 -22.94
CA TRP C 104 -22.99 -9.84 -23.15
C TRP C 104 -23.76 -10.52 -22.02
N GLN C 105 -24.54 -11.55 -22.35
CA GLN C 105 -25.39 -12.22 -21.38
C GLN C 105 -24.88 -13.64 -21.15
N TYR C 106 -24.62 -13.98 -19.90
CA TYR C 106 -24.10 -15.28 -19.52
C TYR C 106 -25.19 -16.09 -18.82
N ASP C 107 -25.32 -17.36 -19.20
CA ASP C 107 -26.31 -18.27 -18.62
C ASP C 107 -25.74 -18.97 -17.38
N THR C 108 -26.52 -19.88 -16.78
CA THR C 108 -26.13 -20.54 -15.53
C THR C 108 -24.88 -21.41 -15.66
N HIS C 109 -24.44 -21.74 -16.88
CA HIS C 109 -23.22 -22.51 -17.07
C HIS C 109 -22.02 -21.67 -17.44
N GLY C 110 -22.14 -20.34 -17.36
CA GLY C 110 -21.03 -19.45 -17.67
C GLY C 110 -20.81 -19.20 -19.15
N ALA C 111 -21.73 -19.62 -20.02
CA ALA C 111 -21.59 -19.48 -21.46
C ALA C 111 -22.32 -18.24 -21.94
N CYS C 112 -21.66 -17.42 -22.76
CA CYS C 112 -22.36 -16.28 -23.33
C CYS C 112 -23.44 -16.75 -24.31
N GLN C 113 -24.64 -16.22 -24.17
CA GLN C 113 -25.73 -16.57 -25.07
C GLN C 113 -26.28 -15.40 -25.88
N LEU C 114 -25.79 -14.18 -25.67
CA LEU C 114 -26.18 -13.05 -26.51
C LEU C 114 -25.01 -12.07 -26.61
N VAL C 115 -24.61 -11.73 -27.83
CA VAL C 115 -23.70 -10.61 -28.10
C VAL C 115 -24.52 -9.51 -28.76
N PRO C 116 -24.97 -8.49 -27.99
CA PRO C 116 -25.94 -7.51 -28.55
C PRO C 116 -25.49 -6.79 -29.80
N ALA C 117 -24.19 -6.51 -29.96
CA ALA C 117 -23.70 -5.80 -31.14
C ALA C 117 -23.74 -6.65 -32.41
N CYS C 118 -23.76 -7.99 -32.30
CA CYS C 118 -23.67 -8.89 -33.46
C CYS C 118 -24.74 -9.96 -33.36
N PRO C 119 -26.02 -9.58 -33.20
CA PRO C 119 -27.01 -10.51 -32.65
C PRO C 119 -27.28 -11.73 -33.54
N ASN C 120 -26.97 -11.66 -34.83
CA ASN C 120 -27.13 -12.82 -35.71
C ASN C 120 -25.81 -13.51 -36.07
N SER C 121 -24.68 -12.85 -35.83
CA SER C 121 -23.39 -13.50 -35.96
C SER C 121 -23.28 -14.63 -34.94
N PRO C 122 -22.49 -15.67 -35.20
CA PRO C 122 -22.32 -16.73 -34.20
C PRO C 122 -21.38 -16.30 -33.08
N ILE C 123 -21.69 -16.78 -31.88
CA ILE C 123 -20.91 -16.38 -30.71
C ILE C 123 -19.61 -17.17 -30.68
N PRO C 124 -18.45 -16.52 -30.54
CA PRO C 124 -17.18 -17.26 -30.49
C PRO C 124 -17.19 -18.30 -29.38
N ASN C 125 -16.52 -19.43 -29.66
CA ASN C 125 -16.44 -20.51 -28.68
C ASN C 125 -15.72 -20.07 -27.41
N LYS C 126 -14.82 -19.09 -27.51
CA LYS C 126 -14.08 -18.62 -26.34
C LYS C 126 -14.91 -17.73 -25.43
N ALA C 127 -16.13 -17.37 -25.85
CA ALA C 127 -16.99 -16.46 -25.10
C ALA C 127 -17.71 -17.20 -23.96
N LYS C 128 -16.91 -17.66 -23.00
CA LYS C 128 -17.41 -18.33 -21.81
C LYS C 128 -16.51 -17.93 -20.65
N VAL C 129 -17.06 -17.90 -19.43
CA VAL C 129 -16.22 -17.71 -18.26
C VAL C 129 -16.32 -18.94 -17.36
N ASP C 130 -15.27 -19.20 -16.60
CA ASP C 130 -15.26 -20.36 -15.71
C ASP C 130 -16.40 -20.32 -14.72
N ARG C 131 -17.08 -21.46 -14.55
CA ARG C 131 -18.20 -21.61 -13.66
C ARG C 131 -17.88 -22.66 -12.60
N PHE C 132 -18.22 -22.36 -11.34
CA PHE C 132 -17.83 -23.19 -10.21
C PHE C 132 -19.04 -23.73 -9.45
N ASP C 133 -18.85 -24.87 -8.80
CA ASP C 133 -19.85 -25.40 -7.86
C ASP C 133 -20.29 -24.32 -6.88
N CYS C 134 -21.60 -24.19 -6.70
CA CYS C 134 -22.20 -23.16 -5.88
C CYS C 134 -23.53 -23.67 -5.36
N GLU C 135 -23.66 -23.75 -4.04
CA GLU C 135 -24.79 -24.41 -3.40
C GLU C 135 -25.17 -23.65 -2.16
N GLU C 136 -26.48 -23.49 -1.92
CA GLU C 136 -26.97 -22.95 -0.66
C GLU C 136 -27.08 -24.08 0.36
N ARG C 137 -26.61 -23.83 1.58
CA ARG C 137 -26.90 -24.74 2.69
C ARG C 137 -26.79 -23.96 4.01
N TYR C 138 -27.76 -24.19 4.90
CA TYR C 138 -27.86 -23.52 6.19
C TYR C 138 -27.99 -22.00 6.06
N GLY C 139 -28.44 -21.50 4.92
CA GLY C 139 -28.54 -20.07 4.77
C GLY C 139 -27.25 -19.37 4.37
N LEU C 140 -26.20 -20.13 4.05
CA LEU C 140 -24.95 -19.64 3.50
C LEU C 140 -24.85 -20.07 2.04
N ILE C 141 -24.08 -19.31 1.26
CA ILE C 141 -23.69 -19.72 -0.08
C ILE C 141 -22.29 -20.35 -0.02
N TRP C 142 -22.15 -21.55 -0.58
CA TRP C 142 -20.92 -22.34 -0.55
C TRP C 142 -20.37 -22.52 -1.97
N ILE C 143 -19.05 -22.42 -2.11
CA ILE C 143 -18.39 -22.58 -3.41
C ILE C 143 -17.27 -23.60 -3.26
N ARG C 144 -17.21 -24.55 -4.19
CA ARG C 144 -16.07 -25.44 -4.32
C ARG C 144 -15.42 -25.14 -5.67
N LEU C 145 -14.16 -24.75 -5.64
CA LEU C 145 -13.45 -24.27 -6.82
C LEU C 145 -12.99 -25.42 -7.72
N ASP C 146 -12.76 -26.61 -7.16
CA ASP C 146 -12.25 -27.75 -7.91
C ASP C 146 -12.99 -29.00 -7.43
N SER C 147 -13.81 -29.60 -8.30
CA SER C 147 -14.58 -30.81 -7.97
C SER C 147 -13.95 -32.09 -8.51
N SER C 148 -12.73 -32.03 -9.04
CA SER C 148 -12.20 -33.17 -9.77
C SER C 148 -11.90 -34.37 -8.87
N PHE C 149 -11.70 -34.18 -7.57
CA PHE C 149 -11.52 -35.34 -6.69
C PHE C 149 -12.84 -35.93 -6.21
N ASP C 150 -13.95 -35.18 -6.31
CA ASP C 150 -15.31 -35.71 -6.10
C ASP C 150 -15.47 -36.41 -4.75
N CYS C 151 -14.82 -35.87 -3.70
CA CYS C 151 -14.87 -36.55 -2.42
C CYS C 151 -15.02 -35.61 -1.23
N THR C 152 -15.45 -34.37 -1.44
CA THR C 152 -15.65 -33.42 -0.36
C THR C 152 -17.09 -32.96 -0.33
N GLU C 153 -17.58 -32.64 0.86
CA GLU C 153 -18.96 -32.29 1.10
C GLU C 153 -19.02 -31.00 1.91
N ILE C 154 -20.17 -30.35 1.85
CA ILE C 154 -20.36 -29.16 2.69
C ILE C 154 -20.29 -29.56 4.15
N PRO C 155 -19.60 -28.80 5.00
CA PRO C 155 -19.44 -29.15 6.40
C PRO C 155 -20.74 -29.48 7.12
N TYR C 156 -20.60 -30.33 8.14
CA TYR C 156 -21.71 -30.81 8.95
C TYR C 156 -22.12 -29.78 10.00
N PHE C 157 -23.41 -29.47 10.02
CA PHE C 157 -24.09 -28.62 11.01
C PHE C 157 -25.18 -29.47 11.65
N SER C 158 -24.99 -29.86 12.91
CA SER C 158 -25.84 -30.89 13.51
C SER C 158 -27.25 -30.40 13.81
N ALA C 159 -27.48 -29.10 13.90
CA ALA C 159 -28.80 -28.64 14.26
C ALA C 159 -29.74 -28.52 13.06
N ALA C 160 -29.24 -28.69 11.84
CA ALA C 160 -30.10 -28.50 10.69
C ALA C 160 -31.16 -29.61 10.63
N ASN C 161 -32.39 -29.23 10.31
CA ASN C 161 -33.55 -30.13 10.35
C ASN C 161 -33.80 -30.75 11.74
N ASP C 162 -33.42 -30.05 12.82
CA ASP C 162 -33.88 -30.48 14.15
C ASP C 162 -34.99 -29.54 14.59
N PRO C 163 -36.26 -29.97 14.52
CA PRO C 163 -37.37 -29.03 14.74
C PRO C 163 -37.49 -28.54 16.17
N ARG C 164 -36.70 -29.08 17.08
CA ARG C 164 -36.72 -28.55 18.44
C ARG C 164 -35.87 -27.30 18.61
N LEU C 165 -35.03 -26.95 17.63
CA LEU C 165 -34.02 -25.90 17.81
C LEU C 165 -34.34 -24.70 16.93
N ARG C 166 -34.27 -23.51 17.55
CA ARG C 166 -34.31 -22.25 16.82
C ARG C 166 -32.91 -21.90 16.32
N ILE C 167 -32.80 -21.59 15.04
CA ILE C 167 -31.51 -21.36 14.38
C ILE C 167 -31.42 -19.89 14.01
N VAL C 168 -30.29 -19.27 14.33
CA VAL C 168 -30.02 -17.86 14.05
C VAL C 168 -28.68 -17.78 13.31
N ILE C 169 -28.65 -16.99 12.24
CA ILE C 169 -27.43 -16.72 11.49
C ILE C 169 -26.93 -15.32 11.85
N GLN C 170 -25.77 -15.23 12.50
CA GLN C 170 -25.18 -13.92 12.79
C GLN C 170 -24.63 -13.29 11.50
N GLU C 171 -24.43 -11.99 11.59
CA GLU C 171 -23.76 -11.26 10.52
C GLU C 171 -22.29 -11.71 10.45
N PRO C 172 -21.75 -11.85 9.25
CA PRO C 172 -20.34 -12.27 9.13
C PRO C 172 -19.40 -11.25 9.75
N TYR C 173 -18.23 -11.71 10.19
CA TYR C 173 -17.25 -10.85 10.83
C TYR C 173 -15.90 -11.11 10.18
N TRP C 174 -15.24 -10.02 9.76
CA TRP C 174 -13.95 -10.05 9.07
C TRP C 174 -12.81 -9.89 10.06
N TRP C 175 -11.80 -10.76 9.97
CA TRP C 175 -10.60 -10.66 10.79
C TRP C 175 -9.38 -10.59 9.90
N ASP C 176 -8.40 -9.80 10.34
CA ASP C 176 -7.08 -9.79 9.71
C ASP C 176 -6.25 -10.95 10.28
N ALA C 177 -6.70 -12.17 9.96
CA ALA C 177 -6.00 -13.38 10.38
C ALA C 177 -6.40 -14.51 9.42
N THR C 178 -5.58 -15.56 9.38
CA THR C 178 -5.85 -16.64 8.44
C THR C 178 -6.87 -17.62 9.01
N ALA C 179 -7.43 -18.44 8.12
CA ALA C 179 -8.43 -19.43 8.49
C ALA C 179 -7.85 -20.46 9.44
N GLU C 180 -6.59 -20.87 9.22
CA GLU C 180 -5.93 -21.80 10.14
C GLU C 180 -5.82 -21.22 11.55
N ARG C 181 -5.35 -19.98 11.66
CA ARG C 181 -5.23 -19.39 13.00
C ARG C 181 -6.59 -19.17 13.64
N ARG C 182 -7.64 -18.90 12.84
CA ARG C 182 -8.97 -18.75 13.40
C ARG C 182 -9.47 -20.08 13.97
N TRP C 183 -9.25 -21.17 13.22
CA TRP C 183 -9.70 -22.48 13.66
C TRP C 183 -9.00 -22.87 14.95
N GLU C 184 -7.68 -22.66 15.00
CA GLU C 184 -6.92 -23.01 16.21
C GLU C 184 -7.39 -22.20 17.40
N ASN C 185 -7.77 -20.94 17.19
CA ASN C 185 -8.27 -20.14 18.29
C ASN C 185 -9.61 -20.69 18.81
N PHE C 186 -10.49 -21.11 17.90
CA PHE C 186 -11.83 -21.54 18.33
C PHE C 186 -11.78 -22.81 19.15
N THR C 187 -10.89 -23.74 18.80
CA THR C 187 -10.81 -25.04 19.45
C THR C 187 -9.80 -25.10 20.61
N ASP C 188 -9.29 -23.97 21.09
CA ASP C 188 -8.33 -24.00 22.19
C ASP C 188 -9.01 -23.55 23.50
N PHE C 189 -8.65 -24.19 24.61
CA PHE C 189 -9.19 -23.74 25.91
C PHE C 189 -8.14 -23.17 26.83
N SER C 190 -6.86 -23.33 26.51
CA SER C 190 -5.78 -22.80 27.34
C SER C 190 -5.89 -21.28 27.50
N HIS C 191 -6.52 -20.58 26.55
CA HIS C 191 -6.51 -19.12 26.57
C HIS C 191 -7.62 -18.47 27.40
N PHE C 192 -8.53 -19.25 27.98
CA PHE C 192 -9.73 -18.66 28.59
C PHE C 192 -9.38 -17.73 29.75
N ALA C 193 -8.47 -18.17 30.64
CA ALA C 193 -8.12 -17.37 31.81
C ALA C 193 -7.57 -16.00 31.42
N PHE C 194 -6.97 -15.89 30.24
CA PHE C 194 -6.28 -14.66 29.86
C PHE C 194 -7.04 -13.79 28.86
N ILE C 195 -7.83 -14.39 27.97
CA ILE C 195 -8.58 -13.62 27.00
C ILE C 195 -10.03 -13.51 27.45
N HIS C 196 -10.55 -14.55 28.12
CA HIS C 196 -11.96 -14.59 28.46
C HIS C 196 -12.21 -14.73 29.96
N PRO C 197 -11.52 -13.97 30.82
CA PRO C 197 -11.64 -14.23 32.28
C PRO C 197 -13.05 -14.07 32.83
N GLY C 198 -13.82 -13.11 32.34
CA GLY C 198 -15.17 -12.90 32.83
C GLY C 198 -16.29 -13.37 31.94
N THR C 199 -15.98 -14.10 30.86
CA THR C 199 -17.01 -14.61 29.94
C THR C 199 -17.00 -16.13 29.86
N LEU C 200 -15.87 -16.75 29.53
CA LEU C 200 -15.83 -18.20 29.34
C LEU C 200 -15.02 -18.94 30.39
N PHE C 201 -14.06 -18.28 31.04
CA PHE C 201 -13.19 -18.96 31.99
C PHE C 201 -14.02 -19.57 33.13
N ASP C 202 -13.72 -20.81 33.46
CA ASP C 202 -14.33 -21.49 34.60
C ASP C 202 -13.26 -21.82 35.62
N PRO C 203 -13.21 -21.12 36.76
CA PRO C 203 -12.20 -21.46 37.77
C PRO C 203 -12.44 -22.79 38.48
N ASN C 204 -13.62 -23.39 38.29
CA ASN C 204 -13.94 -24.76 38.74
C ASN C 204 -13.43 -25.84 37.79
N ASN C 205 -12.63 -25.46 36.79
CA ASN C 205 -12.21 -26.36 35.73
C ASN C 205 -11.15 -25.64 34.91
N ALA C 206 -10.09 -25.18 35.58
CA ALA C 206 -9.23 -24.15 35.01
C ALA C 206 -8.31 -24.68 33.91
N GLU C 207 -8.06 -25.98 33.85
CA GLU C 207 -7.20 -26.56 32.82
C GLU C 207 -7.83 -27.86 32.33
N PRO C 208 -8.74 -27.78 31.36
CA PRO C 208 -9.30 -28.99 30.76
C PRO C 208 -8.21 -29.95 30.31
N PRO C 209 -8.32 -31.22 30.68
CA PRO C 209 -7.34 -32.21 30.22
C PRO C 209 -7.38 -32.42 28.71
N ILE C 210 -6.23 -32.90 28.21
CA ILE C 210 -6.11 -33.50 26.90
C ILE C 210 -7.13 -34.61 26.70
N VAL C 211 -7.69 -34.72 25.50
CA VAL C 211 -8.75 -35.71 25.24
C VAL C 211 -8.37 -36.56 24.04
N PRO C 212 -9.00 -37.73 23.89
CA PRO C 212 -8.85 -38.49 22.64
C PRO C 212 -9.51 -37.75 21.48
N MET C 213 -8.88 -37.83 20.31
CA MET C 213 -9.40 -37.24 19.09
C MET C 213 -9.53 -38.32 18.02
N ASP C 214 -10.67 -38.34 17.34
CA ASP C 214 -10.97 -39.31 16.29
C ASP C 214 -11.03 -38.63 14.93
N ARG C 215 -10.49 -39.27 13.89
CA ARG C 215 -10.79 -38.91 12.51
C ARG C 215 -11.89 -39.82 11.98
N PHE C 216 -12.94 -39.21 11.40
CA PHE C 216 -14.06 -40.00 10.87
C PHE C 216 -14.80 -39.19 9.82
N ASN C 217 -14.88 -39.74 8.61
CA ASN C 217 -15.57 -39.10 7.47
C ASN C 217 -15.13 -37.66 7.28
N GLY C 218 -13.82 -37.44 7.34
CA GLY C 218 -13.26 -36.14 7.08
C GLY C 218 -13.50 -35.13 8.18
N GLN C 219 -13.88 -35.58 9.37
CA GLN C 219 -14.11 -34.76 10.55
C GLN C 219 -13.17 -35.12 11.70
N PHE C 220 -12.74 -34.11 12.46
CA PHE C 220 -12.21 -34.33 13.81
C PHE C 220 -13.36 -34.39 14.78
N ARG C 221 -13.38 -35.42 15.63
CA ARG C 221 -14.37 -35.53 16.70
C ARG C 221 -13.66 -35.65 18.04
N PHE C 222 -14.05 -34.82 19.00
CA PHE C 222 -13.51 -34.92 20.35
C PHE C 222 -14.50 -34.26 21.31
N VAL C 223 -14.54 -34.79 22.54
CA VAL C 223 -15.49 -34.42 23.58
C VAL C 223 -14.74 -34.05 24.86
N TYR C 224 -15.20 -33.00 25.55
CA TYR C 224 -14.77 -32.63 26.90
C TYR C 224 -15.95 -32.69 27.85
N ASP C 225 -15.73 -33.23 29.05
CA ASP C 225 -16.77 -33.39 30.07
C ASP C 225 -16.60 -32.36 31.19
N THR C 226 -17.46 -32.46 32.21
CA THR C 226 -17.64 -31.49 33.28
C THR C 226 -16.41 -31.24 34.16
N PRO C 227 -15.94 -32.23 34.97
CA PRO C 227 -15.13 -31.98 36.18
C PRO C 227 -14.08 -30.86 36.08
N ILE C 238 -22.91 -30.46 35.48
CA ILE C 238 -22.65 -31.69 34.74
C ILE C 238 -23.01 -31.51 33.26
N GLY C 239 -21.99 -31.27 32.43
CA GLY C 239 -22.21 -31.05 31.00
C GLY C 239 -21.11 -31.57 30.10
N SER C 240 -21.19 -31.27 28.80
CA SER C 240 -20.16 -31.69 27.85
C SER C 240 -20.05 -30.71 26.69
N PHE C 241 -18.84 -30.60 26.15
CA PHE C 241 -18.50 -29.85 24.93
C PHE C 241 -18.18 -30.88 23.85
N SER C 242 -19.08 -31.07 22.89
CA SER C 242 -18.86 -32.10 21.86
C SER C 242 -18.59 -31.45 20.50
N TYR C 243 -17.39 -31.70 19.97
CA TYR C 243 -16.91 -31.07 18.75
C TYR C 243 -16.99 -32.03 17.58
N THR C 244 -17.59 -31.57 16.48
CA THR C 244 -17.52 -32.24 15.19
C THR C 244 -16.96 -31.21 14.20
N CYS C 245 -15.72 -31.39 13.77
CA CYS C 245 -15.00 -30.40 12.97
C CYS C 245 -14.78 -30.95 11.57
N SER C 246 -15.55 -30.44 10.61
CA SER C 246 -15.38 -30.81 9.20
C SER C 246 -14.16 -30.08 8.65
N MET C 247 -13.11 -30.82 8.32
CA MET C 247 -11.89 -30.26 7.74
C MET C 247 -12.14 -29.52 6.42
N PRO C 248 -11.44 -28.41 6.21
CA PRO C 248 -10.41 -27.87 7.11
C PRO C 248 -10.83 -26.71 8.06
N PHE C 249 -11.96 -26.03 7.87
CA PHE C 249 -12.16 -24.76 8.57
C PHE C 249 -13.51 -24.64 9.30
N ALA C 250 -14.23 -25.73 9.50
CA ALA C 250 -15.56 -25.65 10.11
C ALA C 250 -15.56 -26.34 11.46
N ILE C 251 -16.31 -25.79 12.40
CA ILE C 251 -16.40 -26.35 13.74
C ILE C 251 -17.87 -26.40 14.12
N ASN C 252 -18.33 -27.57 14.53
CA ASN C 252 -19.67 -27.76 15.06
C ASN C 252 -19.51 -28.18 16.51
N LEU C 253 -20.03 -27.36 17.42
CA LEU C 253 -19.85 -27.53 18.86
C LEU C 253 -21.23 -27.66 19.49
N GLU C 254 -21.51 -28.83 20.07
CA GLU C 254 -22.73 -29.05 20.84
C GLU C 254 -22.40 -28.96 22.32
N VAL C 255 -23.09 -28.05 23.01
CA VAL C 255 -22.97 -27.84 24.46
C VAL C 255 -24.24 -28.41 25.09
N SER C 256 -24.07 -29.42 25.93
CA SER C 256 -25.19 -30.02 26.65
C SER C 256 -24.94 -29.92 28.15
N LYS C 257 -26.02 -29.78 28.91
CA LYS C 257 -26.01 -29.97 30.36
C LYS C 257 -26.94 -31.13 30.69
N TYR C 258 -26.45 -32.08 31.50
CA TYR C 258 -27.09 -33.38 31.60
C TYR C 258 -28.47 -33.29 32.23
N SER C 259 -29.40 -34.12 31.72
CA SER C 259 -30.78 -34.21 32.19
C SER C 259 -31.51 -32.86 32.13
N SER C 260 -31.14 -32.04 31.14
CA SER C 260 -31.77 -30.74 30.92
C SER C 260 -32.04 -30.59 29.43
N SER C 261 -33.06 -29.81 29.08
CA SER C 261 -33.36 -29.48 27.68
C SER C 261 -32.69 -28.16 27.33
N SER C 262 -31.35 -28.18 27.33
CA SER C 262 -30.53 -26.98 27.21
C SER C 262 -29.45 -27.12 26.13
N LEU C 263 -29.75 -27.88 25.08
CA LEU C 263 -28.82 -28.05 23.97
C LEU C 263 -28.50 -26.71 23.28
N HIS C 264 -27.25 -26.28 23.32
CA HIS C 264 -26.83 -25.13 22.54
C HIS C 264 -25.86 -25.60 21.46
N VAL C 265 -26.00 -25.09 20.23
CA VAL C 265 -25.09 -25.47 19.14
C VAL C 265 -24.48 -24.23 18.52
N LEU C 266 -23.15 -24.20 18.41
CA LEU C 266 -22.42 -23.16 17.68
C LEU C 266 -21.75 -23.78 16.46
N PHE C 267 -21.97 -23.18 15.31
CA PHE C 267 -21.39 -23.62 14.06
C PHE C 267 -20.59 -22.46 13.50
N ASN C 268 -19.28 -22.64 13.40
CA ASN C 268 -18.39 -21.57 12.97
C ASN C 268 -17.56 -22.04 11.79
N VAL C 269 -17.45 -21.20 10.78
CA VAL C 269 -16.68 -21.57 9.60
C VAL C 269 -16.04 -20.31 9.03
N SER C 270 -14.74 -20.42 8.70
CA SER C 270 -13.93 -19.32 8.19
C SER C 270 -13.76 -19.46 6.68
N CYS C 271 -14.06 -18.40 5.97
CA CYS C 271 -13.78 -18.37 4.54
C CYS C 271 -12.37 -17.85 4.33
N PRO C 272 -11.47 -18.63 3.73
CA PRO C 272 -10.11 -18.13 3.49
C PRO C 272 -10.07 -17.17 2.30
N VAL C 273 -10.20 -15.88 2.57
CA VAL C 273 -10.39 -14.89 1.51
C VAL C 273 -9.10 -14.65 0.74
N ASP C 274 -8.00 -14.47 1.47
CA ASP C 274 -6.67 -14.34 0.88
C ASP C 274 -5.66 -14.71 1.96
N SER C 275 -4.38 -14.45 1.71
CA SER C 275 -3.35 -14.94 2.61
C SER C 275 -3.34 -14.26 3.96
N HIS C 276 -4.15 -13.22 4.18
CA HIS C 276 -4.11 -12.60 5.49
C HIS C 276 -5.50 -12.25 6.03
N THR C 277 -6.56 -12.80 5.46
CA THR C 277 -7.89 -12.32 5.81
C THR C 277 -8.89 -13.46 5.83
N THR C 278 -9.80 -13.43 6.80
CA THR C 278 -10.91 -14.34 6.82
C THR C 278 -12.21 -13.57 6.92
N LYS C 279 -13.21 -14.10 6.25
CA LYS C 279 -14.60 -13.74 6.49
C LYS C 279 -15.22 -14.90 7.25
N ASN C 280 -15.74 -14.63 8.43
CA ASN C 280 -16.16 -15.70 9.33
C ASN C 280 -17.67 -15.69 9.53
N PHE C 281 -18.23 -16.89 9.69
CA PHE C 281 -19.67 -17.07 9.80
C PHE C 281 -19.97 -17.87 11.06
N LEU C 282 -20.93 -17.39 11.85
CA LEU C 282 -21.32 -18.05 13.08
C LEU C 282 -22.83 -18.25 13.01
N ILE C 283 -23.25 -19.51 13.08
CA ILE C 283 -24.65 -19.88 13.20
C ILE C 283 -24.84 -20.53 14.57
N PHE C 284 -25.94 -20.25 15.22
CA PHE C 284 -26.15 -20.88 16.51
C PHE C 284 -27.60 -21.32 16.63
N ALA C 285 -27.79 -22.42 17.34
CA ALA C 285 -29.09 -23.04 17.50
C ALA C 285 -29.33 -23.32 18.99
N ARG C 286 -30.59 -23.27 19.41
CA ARG C 286 -30.89 -23.49 20.82
C ARG C 286 -32.30 -24.03 20.98
N GLU C 287 -32.44 -24.97 21.93
CA GLU C 287 -33.73 -25.53 22.31
C GLU C 287 -34.56 -24.51 23.06
N GLN C 288 -34.00 -23.96 24.14
CA GLN C 288 -34.66 -22.93 24.94
C GLN C 288 -34.69 -21.63 24.13
N SER C 289 -35.85 -21.31 23.57
CA SER C 289 -35.96 -20.20 22.63
C SER C 289 -36.94 -19.11 23.07
N ASP C 290 -37.32 -19.09 24.35
CA ASP C 290 -38.19 -18.02 24.85
C ASP C 290 -37.46 -16.70 25.09
N ASP C 291 -36.13 -16.69 25.10
CA ASP C 291 -35.35 -15.49 25.33
C ASP C 291 -35.01 -14.79 24.00
N SER C 292 -34.34 -13.66 24.09
CA SER C 292 -33.99 -12.89 22.90
C SER C 292 -32.82 -13.51 22.15
N ASP C 293 -32.89 -13.54 20.82
CA ASP C 293 -31.72 -13.91 20.02
C ASP C 293 -30.53 -13.02 20.35
N TYR C 294 -30.79 -11.76 20.73
CA TYR C 294 -29.71 -10.80 20.90
C TYR C 294 -29.00 -10.95 22.24
N LEU C 295 -29.61 -11.67 23.17
CA LEU C 295 -28.90 -12.05 24.39
C LEU C 295 -27.68 -12.88 24.01
N HIS C 296 -27.87 -13.84 23.12
CA HIS C 296 -26.80 -14.73 22.71
C HIS C 296 -25.85 -14.04 21.73
N ILE C 297 -26.39 -13.24 20.81
CA ILE C 297 -25.53 -12.56 19.84
C ILE C 297 -24.59 -11.60 20.56
N ALA C 298 -25.10 -10.83 21.53
CA ALA C 298 -24.24 -9.87 22.22
C ALA C 298 -23.18 -10.57 23.06
N PHE C 299 -23.51 -11.70 23.70
CA PHE C 299 -22.48 -12.45 24.41
C PHE C 299 -21.46 -13.04 23.45
N GLN C 300 -21.94 -13.65 22.36
CA GLN C 300 -21.04 -14.23 21.38
C GLN C 300 -20.18 -13.14 20.75
N ASP C 301 -20.76 -11.96 20.48
CA ASP C 301 -19.96 -10.86 19.94
C ASP C 301 -18.90 -10.37 20.93
N LEU C 302 -19.21 -10.40 22.24
CA LEU C 302 -18.22 -9.99 23.23
C LEU C 302 -17.05 -10.96 23.26
N VAL C 303 -17.33 -12.27 23.18
CA VAL C 303 -16.29 -13.27 23.12
C VAL C 303 -15.39 -13.06 21.90
N LEU C 304 -16.01 -12.82 20.75
CA LEU C 304 -15.26 -12.57 19.52
C LEU C 304 -14.39 -11.33 19.67
N ALA C 305 -14.90 -10.30 20.34
CA ALA C 305 -14.14 -9.07 20.45
C ALA C 305 -12.92 -9.24 21.36
N GLU C 306 -13.03 -10.11 22.36
CA GLU C 306 -11.88 -10.40 23.21
C GLU C 306 -10.79 -11.13 22.42
N ASP C 307 -11.19 -12.11 21.58
CA ASP C 307 -10.23 -12.85 20.76
C ASP C 307 -9.56 -11.97 19.70
N LYS C 308 -10.34 -11.14 19.02
CA LYS C 308 -9.91 -10.49 17.79
C LYS C 308 -8.54 -9.81 17.85
N PRO C 309 -8.26 -8.89 18.78
CA PRO C 309 -6.96 -8.20 18.69
C PRO C 309 -5.77 -9.13 18.90
N VAL C 310 -5.90 -10.17 19.72
CA VAL C 310 -4.75 -11.05 19.91
C VAL C 310 -4.53 -11.93 18.68
N ILE C 311 -5.60 -12.50 18.10
CA ILE C 311 -5.41 -13.33 16.92
C ILE C 311 -4.86 -12.49 15.77
N GLU C 312 -5.34 -11.24 15.62
CA GLU C 312 -4.85 -10.42 14.52
C GLU C 312 -3.42 -9.97 14.73
N SER C 313 -2.96 -9.97 16.00
CA SER C 313 -1.55 -9.62 16.25
C SER C 313 -0.59 -10.73 15.86
N GLN C 314 -1.04 -11.98 15.79
CA GLN C 314 -0.12 -13.08 15.51
C GLN C 314 0.61 -12.87 14.18
N TRP C 315 1.93 -13.04 14.20
CA TRP C 315 2.73 -12.81 13.00
C TRP C 315 3.98 -13.70 13.01
N PRO C 316 4.37 -14.23 11.84
CA PRO C 316 3.72 -14.05 10.53
C PRO C 316 2.33 -14.69 10.49
N LYS C 317 1.56 -14.34 9.46
CA LYS C 317 0.16 -14.76 9.39
C LYS C 317 0.02 -16.29 9.38
N ASP C 318 0.87 -16.98 8.62
CA ASP C 318 0.93 -18.45 8.65
C ASP C 318 1.91 -18.93 9.70
N ALA C 319 1.52 -19.97 10.44
CA ALA C 319 2.37 -20.53 11.49
C ALA C 319 3.70 -20.99 10.89
N PRO C 320 4.81 -20.36 11.24
CA PRO C 320 6.11 -20.87 10.82
C PRO C 320 6.52 -22.09 11.64
N ALA C 321 7.58 -22.73 11.17
CA ALA C 321 8.07 -23.94 11.83
C ALA C 321 8.67 -23.67 13.20
N ASP C 322 9.06 -22.43 13.51
CA ASP C 322 9.74 -22.22 14.79
C ASP C 322 8.78 -22.12 15.98
N GLU C 323 7.47 -22.21 15.77
CA GLU C 323 6.55 -22.14 16.90
C GLU C 323 6.75 -23.32 17.82
N VAL C 324 6.53 -23.08 19.11
CA VAL C 324 6.87 -24.02 20.16
C VAL C 324 5.57 -24.51 20.76
N SER C 325 5.31 -25.81 20.66
CA SER C 325 4.11 -26.43 21.21
C SER C 325 4.42 -27.11 22.54
N VAL C 326 3.38 -27.21 23.38
CA VAL C 326 3.44 -27.96 24.63
C VAL C 326 2.30 -28.96 24.60
N VAL C 327 2.30 -29.86 25.59
CA VAL C 327 1.39 -31.01 25.57
C VAL C 327 -0.07 -30.55 25.51
N ALA C 328 -0.40 -29.42 26.13
CA ALA C 328 -1.78 -28.93 26.12
C ALA C 328 -2.27 -28.49 24.74
N ASP C 329 -1.37 -28.30 23.75
CA ASP C 329 -1.72 -27.94 22.37
C ASP C 329 -2.15 -29.16 21.51
N LYS C 330 -2.54 -30.29 22.13
CA LYS C 330 -2.84 -31.50 21.35
C LYS C 330 -3.74 -31.21 20.13
N VAL C 331 -4.86 -30.52 20.35
CA VAL C 331 -5.81 -30.28 19.27
C VAL C 331 -5.11 -29.56 18.11
N SER C 332 -4.42 -28.48 18.43
CA SER C 332 -3.70 -27.71 17.41
C SER C 332 -2.61 -28.53 16.72
N ILE C 333 -1.86 -29.33 17.48
CA ILE C 333 -0.79 -30.15 16.89
C ILE C 333 -1.38 -31.16 15.90
N GLN C 334 -2.41 -31.89 16.30
CA GLN C 334 -3.04 -32.87 15.42
C GLN C 334 -3.70 -32.21 14.20
N TYR C 335 -4.22 -30.98 14.36
CA TYR C 335 -4.80 -30.25 13.24
C TYR C 335 -3.73 -29.95 12.19
N ARG C 336 -2.59 -29.42 12.65
CA ARG C 336 -1.51 -29.09 11.73
C ARG C 336 -1.00 -30.32 11.01
N LYS C 337 -0.94 -31.46 11.72
CA LYS C 337 -0.49 -32.70 11.12
C LYS C 337 -1.45 -33.16 10.01
N TRP C 338 -2.76 -33.18 10.29
CA TRP C 338 -3.71 -33.58 9.26
C TRP C 338 -3.65 -32.66 8.02
N LEU C 339 -3.58 -31.33 8.23
CA LEU C 339 -3.43 -30.42 7.10
C LEU C 339 -2.20 -30.79 6.27
N ARG C 340 -1.06 -31.02 6.93
CA ARG C 340 0.15 -31.43 6.23
C ARG C 340 -0.09 -32.68 5.40
N GLU C 341 -0.76 -33.68 5.98
CA GLU C 341 -1.05 -34.90 5.25
C GLU C 341 -1.94 -34.64 4.06
N LEU C 342 -2.95 -33.77 4.23
CA LEU C 342 -3.85 -33.48 3.12
C LEU C 342 -3.09 -32.76 2.01
N LYS C 343 -2.17 -31.87 2.38
CA LYS C 343 -1.35 -31.16 1.43
C LYS C 343 -0.47 -32.11 0.62
N GLU C 344 0.21 -33.04 1.32
CA GLU C 344 1.03 -34.03 0.63
C GLU C 344 0.18 -34.94 -0.24
N ALA C 345 -0.96 -35.40 0.28
CA ALA C 345 -1.76 -36.36 -0.46
C ALA C 345 -2.33 -35.74 -1.72
N HIS C 346 -2.72 -34.47 -1.67
CA HIS C 346 -3.22 -33.78 -2.86
C HIS C 346 -2.22 -33.86 -3.99
N LYS C 347 -0.94 -33.61 -3.69
CA LYS C 347 0.13 -33.66 -4.67
C LYS C 347 0.27 -35.06 -5.26
N GLU C 348 -0.08 -36.11 -4.49
CA GLU C 348 -0.01 -37.48 -4.99
C GLU C 348 -1.23 -37.88 -5.81
N GLY C 349 -2.37 -37.22 -5.62
CA GLY C 349 -3.48 -37.34 -6.54
C GLY C 349 -4.76 -37.75 -5.85
N SER C 350 -5.78 -37.99 -6.69
CA SER C 350 -7.16 -38.10 -6.22
C SER C 350 -7.33 -39.21 -5.18
N GLN C 351 -6.74 -40.37 -5.44
CA GLN C 351 -6.97 -41.52 -4.55
C GLN C 351 -6.24 -41.32 -3.22
N ALA C 352 -5.00 -40.84 -3.27
CA ALA C 352 -4.28 -40.54 -2.04
C ALA C 352 -5.00 -39.48 -1.21
N PHE C 353 -5.45 -38.40 -1.85
CA PHE C 353 -6.19 -37.36 -1.13
C PHE C 353 -7.43 -37.95 -0.48
N ARG C 354 -8.20 -38.74 -1.23
CA ARG C 354 -9.44 -39.32 -0.68
C ARG C 354 -9.15 -40.18 0.55
N SER C 355 -8.09 -40.99 0.50
CA SER C 355 -7.76 -41.82 1.66
C SER C 355 -7.34 -40.95 2.84
N ALA C 356 -6.47 -39.97 2.59
CA ALA C 356 -6.03 -39.08 3.66
C ALA C 356 -7.22 -38.37 4.32
N LEU C 357 -8.26 -38.06 3.55
CA LEU C 357 -9.37 -37.30 4.10
C LEU C 357 -10.38 -38.19 4.82
N LEU C 358 -10.70 -39.37 4.28
CA LEU C 358 -11.82 -40.15 4.77
C LEU C 358 -11.45 -41.41 5.53
N ASP C 359 -10.19 -41.81 5.58
CA ASP C 359 -9.83 -42.98 6.38
C ASP C 359 -10.08 -42.70 7.86
N PRO C 360 -10.69 -43.62 8.59
CA PRO C 360 -10.91 -43.42 10.02
C PRO C 360 -9.64 -43.66 10.82
N VAL C 361 -9.43 -42.85 11.85
CA VAL C 361 -8.32 -43.00 12.80
C VAL C 361 -8.92 -42.77 14.18
N ILE C 362 -9.16 -43.85 14.92
CA ILE C 362 -9.91 -43.78 16.17
C ILE C 362 -8.94 -43.90 17.34
N GLU C 363 -9.04 -42.94 18.27
CA GLU C 363 -8.34 -42.99 19.56
C GLU C 363 -9.28 -43.29 20.73
N SER C 364 -10.55 -42.95 20.61
CA SER C 364 -11.46 -43.05 21.74
C SER C 364 -12.06 -44.46 21.82
N ASP C 365 -12.84 -44.71 22.87
CA ASP C 365 -13.59 -45.94 23.01
C ASP C 365 -14.96 -45.87 22.34
N ARG C 366 -15.23 -44.80 21.59
CA ARG C 366 -16.47 -44.66 20.85
C ARG C 366 -16.46 -45.57 19.62
N SER C 367 -17.66 -45.90 19.16
CA SER C 367 -17.85 -46.72 17.97
C SER C 367 -18.74 -45.95 17.01
N TYR C 368 -18.17 -45.54 15.88
CA TYR C 368 -18.94 -44.83 14.87
C TYR C 368 -19.50 -45.81 13.85
#